data_2XY9
#
_entry.id   2XY9
#
_cell.length_a   58.730
_cell.length_b   86.094
_cell.length_c   134.815
_cell.angle_alpha   90.00
_cell.angle_beta   90.00
_cell.angle_gamma   90.00
#
_symmetry.space_group_name_H-M   'P 21 21 21'
#
loop_
_entity.id
_entity.type
_entity.pdbx_description
1 polymer 'ANGIOTENSIN-CONVERTING ENZYME'
2 branched beta-D-mannopyranose-(1-4)-2-acetamido-2-deoxy-beta-D-glucopyranose-(1-4)-[alpha-L-fucopyranose-(1-6)]2-acetamido-2-deoxy-beta-D-glucopyranose
3 non-polymer 'ACETATE ION'
4 non-polymer 'CHLORIDE ION'
5 non-polymer 'ZINC ION'
6 non-polymer 2-acetamido-2-deoxy-beta-D-glucopyranose
7 non-polymer '4-(2-HYDROXYETHYL)-1-PIPERAZINE ETHANESULFONIC ACID'
8 non-polymer [(2S)-2-({3-[HYDROXYL(2-PHENYL-(1R)-1-{[(BENZYLOXY)[(2S)-2-({3-[HYDROXYL(2-PHENYL-(1R)-1-CARBONYL]-AMINO}ETHYL)PHOSPHINYL]-2-[(3-PHENYLISOXAZOL-5-YL)METHYL]-1-OXO-PROPYL}AMINO)-3-(4-HYDROXY-PHENYL)
9 water water
#
_entity_poly.entity_id   1
_entity_poly.type   'polypeptide(L)'
_entity_poly.pdbx_seq_one_letter_code
;DEAEASKFVEEYDRTSQVVWNEYAEANWNYNTNITTETSKILLQKNMQIANHTLKYGTQARKFDVNQLQNTTIKRIIKKV
QDLERAALPAQELEEYNKILLDMETTYSVATVCHPNGSCLQLEPDLTNVMATSRKYEDLLWAWEGWRDKAGRAILQFYPK
YVELINQAARLNGYVDAGDSWRSMYETPSLEQDLERLFQELQPLYLNLHAYVRRALHRHYGAQHINLEGPIPAHLLGNMW
AQTWSNIYDLVVPFPSAPSMDTTEAMLKQGWTPRRMFKEADDFFTSLGLLPVPPEFWNKSMLEKPTDGREVVCHASAWDF
YNGKDFRIKQCTTVNLEDLVVAHHEMGHIQYFMQYKDLPVALREGANPGFHEAIGDVLALSVSTPKHLHSLNLLSSEGGS
DEHDINFLMKMALDKIAFIPFSYLVDQWRWRVFDGSITKENYNQEWWSLRLKYQGLCPPVPRTQGDFDPGAKFHIPSSVP
YIRYFVSFIIQFQFHEALCQAAGHTGPLHKCDIYQSKEAGQRLATAMKLGFSRPWPEAMQLITGQPNMSASAMLSYFKPL
LDWLRTENELHGEKLGWPQYNWTPA
;
_entity_poly.pdbx_strand_id   A
#
loop_
_chem_comp.id
_chem_comp.type
_chem_comp.name
_chem_comp.formula
3ES non-polymer [(2S)-2-({3-[HYDROXYL(2-PHENYL-(1R)-1-{[(BENZYLOXY)[(2S)-2-({3-[HYDROXYL(2-PHENYL-(1R)-1-CARBONYL]-AMINO}ETHYL)PHOSPHINYL]-2-[(3-PHENYLISOXAZOL-5-YL)METHYL]-1-OXO-PROPYL}AMINO)-3-(4-HYDROXY-PHENYL) 'C38 H38 N3 O9 P'
ACT non-polymer 'ACETATE ION' 'C2 H3 O2 -1'
BMA D-saccharide, beta linking beta-D-mannopyranose 'C6 H12 O6'
CL non-polymer 'CHLORIDE ION' 'Cl -1'
EPE non-polymer '4-(2-HYDROXYETHYL)-1-PIPERAZINE ETHANESULFONIC ACID' 'C8 H18 N2 O4 S'
FUC L-saccharide, alpha linking alpha-L-fucopyranose 'C6 H12 O5'
NAG D-saccharide, beta linking 2-acetamido-2-deoxy-beta-D-glucopyranose 'C8 H15 N O6'
ZN non-polymer 'ZINC ION' 'Zn 2'
#
# COMPACT_ATOMS: atom_id res chain seq x y z
N ASP A 1 30.28 -25.18 -9.67
CA ASP A 1 30.20 -25.45 -11.14
C ASP A 1 29.20 -24.52 -11.83
N GLU A 2 29.72 -23.70 -12.74
CA GLU A 2 28.94 -22.68 -13.44
C GLU A 2 27.88 -23.27 -14.37
N ALA A 3 28.24 -24.35 -15.05
CA ALA A 3 27.34 -25.01 -16.00
C ALA A 3 26.20 -25.74 -15.30
N GLU A 4 26.48 -26.28 -14.11
CA GLU A 4 25.45 -26.96 -13.32
C GLU A 4 24.47 -25.96 -12.71
N ALA A 5 24.96 -24.79 -12.33
CA ALA A 5 24.13 -23.71 -11.80
C ALA A 5 23.16 -23.22 -12.87
N SER A 6 23.69 -23.01 -14.07
CA SER A 6 22.91 -22.57 -15.22
C SER A 6 21.81 -23.58 -15.53
N LYS A 7 22.16 -24.86 -15.48
CA LYS A 7 21.24 -25.97 -15.70
C LYS A 7 20.15 -26.03 -14.62
N PHE A 8 20.56 -25.84 -13.37
CA PHE A 8 19.63 -25.83 -12.24
C PHE A 8 18.59 -24.72 -12.36
N VAL A 9 19.06 -23.53 -12.72
CA VAL A 9 18.23 -22.34 -12.87
C VAL A 9 17.18 -22.54 -13.97
N GLU A 10 17.59 -23.22 -15.05
CA GLU A 10 16.69 -23.54 -16.15
C GLU A 10 15.58 -24.49 -15.71
N GLU A 11 15.95 -25.51 -14.94
CA GLU A 11 14.97 -26.46 -14.43
C GLU A 11 14.04 -25.79 -13.42
N TYR A 12 14.61 -24.94 -12.57
CA TYR A 12 13.81 -24.20 -11.60
C TYR A 12 12.75 -23.34 -12.31
N ASP A 13 13.16 -22.64 -13.36
CA ASP A 13 12.25 -21.75 -14.10
C ASP A 13 11.10 -22.50 -14.76
N ARG A 14 11.45 -23.60 -15.44
CA ARG A 14 10.47 -24.42 -16.15
C ARG A 14 9.41 -24.96 -15.19
N THR A 15 9.85 -25.51 -14.05
CA THR A 15 8.93 -26.13 -13.11
C THR A 15 8.19 -25.09 -12.27
N SER A 16 8.87 -23.99 -11.94
CA SER A 16 8.23 -22.87 -11.20
C SER A 16 7.06 -22.26 -11.96
N GLN A 17 7.22 -22.07 -13.26
CA GLN A 17 6.17 -21.55 -14.12
C GLN A 17 4.86 -22.33 -13.96
N VAL A 18 4.95 -23.65 -13.97
CA VAL A 18 3.79 -24.53 -13.83
C VAL A 18 3.18 -24.47 -12.42
N VAL A 19 4.04 -24.64 -11.41
CA VAL A 19 3.59 -24.70 -10.01
C VAL A 19 3.02 -23.36 -9.52
N TRP A 20 3.69 -22.26 -9.83
CA TRP A 20 3.21 -20.94 -9.43
C TRP A 20 1.91 -20.57 -10.15
N ASN A 21 1.81 -20.91 -11.43
CA ASN A 21 0.57 -20.75 -12.19
C ASN A 21 -0.60 -21.51 -11.56
N GLU A 22 -0.34 -22.75 -11.16
CA GLU A 22 -1.35 -23.56 -10.48
C GLU A 22 -1.70 -22.99 -9.11
N TYR A 23 -0.68 -22.51 -8.38
CA TYR A 23 -0.96 -21.92 -7.06
C TYR A 23 -1.79 -20.66 -7.19
N ALA A 24 -1.42 -19.81 -8.13
CA ALA A 24 -2.12 -18.54 -8.35
C ALA A 24 -3.61 -18.77 -8.66
N GLU A 25 -3.92 -19.76 -9.50
CA GLU A 25 -5.31 -20.08 -9.83
C GLU A 25 -6.13 -20.47 -8.59
N ALA A 26 -5.58 -21.38 -7.78
CA ALA A 26 -6.24 -21.80 -6.53
C ALA A 26 -6.38 -20.62 -5.55
N ASN A 27 -5.33 -19.81 -5.45
CA ASN A 27 -5.35 -18.59 -4.63
C ASN A 27 -6.46 -17.64 -5.09
N TRP A 28 -6.54 -17.42 -6.40
CA TRP A 28 -7.55 -16.56 -7.01
C TRP A 28 -8.96 -17.08 -6.76
N ASN A 29 -9.15 -18.38 -6.99
CA ASN A 29 -10.43 -19.04 -6.80
C ASN A 29 -10.96 -18.93 -5.39
N TYR A 30 -10.06 -18.95 -4.40
CA TYR A 30 -10.48 -18.73 -3.03
C TYR A 30 -10.82 -17.26 -2.75
N ASN A 31 -9.96 -16.36 -3.21
CA ASN A 31 -10.14 -14.93 -2.98
C ASN A 31 -11.42 -14.36 -3.59
N THR A 32 -11.84 -14.95 -4.71
CA THR A 32 -13.03 -14.50 -5.45
C THR A 32 -14.25 -15.38 -5.21
N ASN A 33 -14.16 -16.27 -4.22
CA ASN A 33 -15.22 -17.25 -3.90
C ASN A 33 -14.85 -18.02 -2.64
N ILE A 34 -15.00 -17.36 -1.48
CA ILE A 34 -14.67 -17.96 -0.20
C ILE A 34 -15.69 -19.04 0.15
N THR A 35 -15.28 -20.30 -0.03
CA THR A 35 -16.11 -21.45 0.30
C THR A 35 -15.27 -22.53 0.97
N THR A 36 -15.97 -23.50 1.57
CA THR A 36 -15.33 -24.69 2.14
C THR A 36 -14.47 -25.43 1.10
N GLU A 37 -15.00 -25.59 -0.12
CA GLU A 37 -14.33 -26.30 -1.20
C GLU A 37 -13.09 -25.56 -1.72
N THR A 38 -13.21 -24.25 -1.95
CA THR A 38 -12.09 -23.44 -2.45
C THR A 38 -10.97 -23.32 -1.41
N SER A 39 -11.35 -23.36 -0.13
CA SER A 39 -10.40 -23.37 0.98
C SER A 39 -9.59 -24.68 1.01
N LYS A 40 -10.28 -25.80 0.80
CA LYS A 40 -9.63 -27.12 0.79
C LYS A 40 -8.63 -27.26 -0.34
N ILE A 41 -9.01 -26.82 -1.53
CA ILE A 41 -8.14 -26.87 -2.71
C ILE A 41 -6.91 -25.96 -2.57
N LEU A 42 -7.11 -24.77 -1.99
CA LEU A 42 -6.00 -23.84 -1.76
C LEU A 42 -4.96 -24.43 -0.80
N LEU A 43 -5.41 -24.97 0.33
CA LEU A 43 -4.50 -25.57 1.32
C LEU A 43 -3.76 -26.78 0.76
N GLN A 44 -4.37 -27.43 -0.24
CA GLN A 44 -3.74 -28.53 -0.98
C GLN A 44 -2.62 -28.02 -1.91
N LYS A 45 -2.90 -26.91 -2.60
CA LYS A 45 -1.88 -26.28 -3.44
C LYS A 45 -0.76 -25.65 -2.61
N ASN A 46 -1.08 -25.24 -1.39
CA ASN A 46 -0.07 -24.84 -0.41
C ASN A 46 0.95 -25.95 -0.16
N MET A 47 0.45 -27.18 -0.01
CA MET A 47 1.30 -28.36 0.16
C MET A 47 2.14 -28.65 -1.09
N GLN A 48 1.53 -28.50 -2.26
CA GLN A 48 2.23 -28.70 -3.54
C GLN A 48 3.35 -27.70 -3.74
N ILE A 49 3.07 -26.41 -3.53
CA ILE A 49 4.08 -25.37 -3.76
C ILE A 49 5.22 -25.46 -2.73
N ALA A 50 4.88 -25.83 -1.50
CA ALA A 50 5.88 -26.03 -0.45
C ALA A 50 6.83 -27.16 -0.80
N ASN A 51 6.27 -28.26 -1.29
CA ASN A 51 7.05 -29.39 -1.77
C ASN A 51 8.04 -28.97 -2.87
N HIS A 52 7.54 -28.18 -3.83
CA HIS A 52 8.37 -27.66 -4.91
C HIS A 52 9.47 -26.73 -4.41
N THR A 53 9.11 -25.85 -3.47
CA THR A 53 10.04 -24.87 -2.90
C THR A 53 11.13 -25.55 -2.07
N LEU A 54 10.74 -26.55 -1.30
CA LEU A 54 11.69 -27.30 -0.48
C LEU A 54 12.66 -28.09 -1.36
N LYS A 55 12.14 -28.72 -2.42
CA LYS A 55 12.97 -29.47 -3.36
C LYS A 55 14.04 -28.60 -4.00
N TYR A 56 13.62 -27.52 -4.65
CA TYR A 56 14.56 -26.66 -5.38
C TYR A 56 15.42 -25.77 -4.47
N GLY A 57 14.84 -25.34 -3.36
CA GLY A 57 15.57 -24.59 -2.34
C GLY A 57 16.73 -25.39 -1.77
N THR A 58 16.46 -26.64 -1.40
CA THR A 58 17.48 -27.57 -0.90
C THR A 58 18.62 -27.72 -1.92
N GLN A 59 18.25 -27.93 -3.18
CA GLN A 59 19.22 -28.00 -4.29
C GLN A 59 20.02 -26.71 -4.44
N ALA A 60 19.33 -25.57 -4.35
CA ALA A 60 19.95 -24.24 -4.51
C ALA A 60 21.01 -23.96 -3.42
N ARG A 61 20.79 -24.52 -2.24
CA ARG A 61 21.70 -24.33 -1.11
C ARG A 61 23.05 -25.05 -1.26
N LYS A 62 23.14 -25.96 -2.22
CA LYS A 62 24.39 -26.66 -2.49
C LYS A 62 25.37 -25.80 -3.31
N PHE A 63 24.85 -24.75 -3.95
CA PHE A 63 25.69 -23.81 -4.69
C PHE A 63 26.18 -22.66 -3.81
N ASP A 64 27.47 -22.35 -3.91
CA ASP A 64 28.03 -21.16 -3.26
C ASP A 64 27.87 -19.96 -4.19
N VAL A 65 26.93 -19.08 -3.83
CA VAL A 65 26.59 -17.90 -4.62
C VAL A 65 27.81 -17.03 -4.96
N ASN A 66 28.72 -16.89 -3.99
CA ASN A 66 29.93 -16.07 -4.17
C ASN A 66 30.91 -16.64 -5.19
N GLN A 67 30.97 -17.97 -5.31
CA GLN A 67 31.87 -18.63 -6.25
C GLN A 67 31.32 -18.69 -7.68
N LEU A 68 30.12 -18.14 -7.86
CA LEU A 68 29.49 -18.03 -9.18
C LEU A 68 29.90 -16.74 -9.87
N GLN A 69 29.93 -16.76 -11.21
CA GLN A 69 30.43 -15.64 -11.99
C GLN A 69 29.32 -14.82 -12.66
N ASN A 70 28.34 -15.50 -13.23
CA ASN A 70 27.18 -14.85 -13.85
C ASN A 70 26.25 -14.28 -12.79
N THR A 71 26.02 -12.97 -12.84
CA THR A 71 25.28 -12.27 -11.78
C THR A 71 23.77 -12.50 -11.82
N THR A 72 23.24 -12.80 -13.00
CA THR A 72 21.82 -13.12 -13.16
C THR A 72 21.52 -14.48 -12.50
N ILE A 73 22.39 -15.45 -12.76
CA ILE A 73 22.26 -16.78 -12.16
C ILE A 73 22.55 -16.72 -10.65
N LYS A 74 23.49 -15.84 -10.30
CA LYS A 74 23.85 -15.55 -8.91
C LYS A 74 22.64 -15.06 -8.12
N ARG A 75 21.94 -14.07 -8.66
CA ARG A 75 20.75 -13.47 -8.03
C ARG A 75 19.60 -14.47 -7.90
N ILE A 76 19.37 -15.25 -8.95
CA ILE A 76 18.31 -16.26 -8.94
C ILE A 76 18.52 -17.31 -7.85
N ILE A 77 19.72 -17.88 -7.79
CA ILE A 77 20.05 -18.94 -6.83
C ILE A 77 19.96 -18.44 -5.38
N LYS A 78 20.46 -17.23 -5.15
CA LYS A 78 20.38 -16.60 -3.82
C LYS A 78 18.92 -16.53 -3.39
N LYS A 79 18.06 -16.04 -4.28
CA LYS A 79 16.63 -15.95 -3.99
C LYS A 79 16.02 -17.33 -3.68
N VAL A 80 16.35 -18.33 -4.50
CA VAL A 80 15.81 -19.69 -4.31
C VAL A 80 16.30 -20.38 -3.03
N GLN A 81 17.45 -19.95 -2.50
CA GLN A 81 17.97 -20.48 -1.23
C GLN A 81 17.09 -20.16 -0.02
N ASP A 82 16.29 -19.10 -0.14
CA ASP A 82 15.33 -18.74 0.89
C ASP A 82 14.03 -19.49 0.63
N LEU A 83 13.77 -20.52 1.44
CA LEU A 83 12.57 -21.36 1.26
C LEU A 83 11.33 -20.71 1.83
N GLU A 84 11.53 -19.58 2.52
CA GLU A 84 10.47 -18.91 3.27
C GLU A 84 9.70 -19.93 4.13
N ARG A 85 8.37 -19.94 4.09
CA ARG A 85 7.60 -20.79 5.00
C ARG A 85 7.82 -22.30 4.75
N ALA A 86 8.24 -22.65 3.54
CA ALA A 86 8.52 -24.05 3.16
C ALA A 86 9.70 -24.66 3.93
N ALA A 87 10.43 -23.83 4.67
CA ALA A 87 11.51 -24.32 5.53
C ALA A 87 10.99 -24.98 6.82
N LEU A 88 9.75 -24.69 7.18
CA LEU A 88 9.12 -25.26 8.38
C LEU A 88 8.90 -26.77 8.28
N PRO A 89 8.98 -27.48 9.43
CA PRO A 89 8.55 -28.89 9.47
C PRO A 89 7.08 -29.04 9.09
N ALA A 90 6.70 -30.23 8.64
CA ALA A 90 5.36 -30.51 8.11
C ALA A 90 4.21 -29.96 8.96
N GLN A 91 4.25 -30.23 10.27
CA GLN A 91 3.17 -29.86 11.18
C GLN A 91 3.09 -28.35 11.37
N GLU A 92 4.23 -27.70 11.54
CA GLU A 92 4.31 -26.25 11.67
C GLU A 92 3.86 -25.53 10.38
N LEU A 93 4.22 -26.10 9.24
CA LEU A 93 3.80 -25.56 7.94
C LEU A 93 2.27 -25.60 7.75
N GLU A 94 1.65 -26.71 8.14
CA GLU A 94 0.21 -26.87 8.04
C GLU A 94 -0.49 -25.88 8.98
N GLU A 95 0.02 -25.78 10.20
CA GLU A 95 -0.50 -24.83 11.17
C GLU A 95 -0.40 -23.38 10.69
N TYR A 96 0.77 -23.03 10.14
CA TYR A 96 1.03 -21.68 9.66
C TYR A 96 0.12 -21.29 8.50
N ASN A 97 -0.01 -22.19 7.51
CA ASN A 97 -0.88 -21.94 6.36
C ASN A 97 -2.34 -21.74 6.78
N LYS A 98 -2.78 -22.52 7.78
CA LYS A 98 -4.15 -22.42 8.31
C LYS A 98 -4.36 -21.11 9.06
N ILE A 99 -3.37 -20.71 9.86
CA ILE A 99 -3.40 -19.45 10.60
C ILE A 99 -3.54 -18.27 9.64
N LEU A 100 -2.71 -18.25 8.59
CA LEU A 100 -2.79 -17.22 7.56
C LEU A 100 -4.18 -17.19 6.92
N LEU A 101 -4.65 -18.37 6.52
CA LEU A 101 -5.98 -18.50 5.93
C LEU A 101 -7.07 -17.94 6.87
N ASP A 102 -7.04 -18.37 8.13
CA ASP A 102 -8.05 -17.96 9.10
C ASP A 102 -8.00 -16.46 9.40
N MET A 103 -6.79 -15.90 9.52
CA MET A 103 -6.66 -14.46 9.73
C MET A 103 -7.22 -13.64 8.57
N GLU A 104 -6.84 -13.98 7.35
CA GLU A 104 -7.34 -13.26 6.17
C GLU A 104 -8.86 -13.40 5.99
N THR A 105 -9.37 -14.61 6.17
CA THR A 105 -10.82 -14.85 6.08
C THR A 105 -11.58 -14.06 7.15
N THR A 106 -11.11 -14.13 8.39
CA THR A 106 -11.72 -13.36 9.49
C THR A 106 -11.82 -11.86 9.19
N TYR A 107 -10.73 -11.26 8.71
CA TYR A 107 -10.73 -9.84 8.35
C TYR A 107 -11.73 -9.55 7.22
N SER A 108 -11.73 -10.38 6.18
CA SER A 108 -12.53 -10.11 4.99
C SER A 108 -14.04 -10.35 5.13
N VAL A 109 -14.46 -11.10 6.14
CA VAL A 109 -15.89 -11.37 6.34
C VAL A 109 -16.50 -10.64 7.54
N ALA A 110 -15.67 -9.91 8.28
CA ALA A 110 -16.11 -9.17 9.46
C ALA A 110 -17.12 -8.07 9.09
N THR A 111 -18.15 -7.93 9.91
CA THR A 111 -19.18 -6.91 9.73
C THR A 111 -19.49 -6.22 11.05
N VAL A 112 -20.01 -4.99 10.96
CA VAL A 112 -20.42 -4.22 12.13
C VAL A 112 -21.92 -3.96 12.01
N CYS A 113 -22.68 -4.40 13.01
CA CYS A 113 -24.14 -4.31 12.93
C CYS A 113 -24.74 -3.49 14.07
N HIS A 114 -25.98 -3.08 13.89
CA HIS A 114 -26.69 -2.31 14.90
C HIS A 114 -27.67 -3.21 15.65
N PRO A 115 -28.30 -2.63 16.67
CA PRO A 115 -29.27 -3.36 17.50
C PRO A 115 -30.36 -4.02 16.66
N ASN A 116 -30.93 -3.27 15.71
CA ASN A 116 -31.98 -3.79 14.85
C ASN A 116 -31.57 -5.08 14.14
N GLY A 117 -30.60 -4.96 13.23
CA GLY A 117 -30.14 -6.12 12.50
C GLY A 117 -29.39 -5.70 11.25
N SER A 118 -29.16 -4.39 11.12
CA SER A 118 -28.43 -3.86 9.98
C SER A 118 -26.93 -4.09 10.14
N CYS A 119 -26.33 -4.75 9.14
CA CYS A 119 -24.90 -5.05 9.19
C CYS A 119 -24.14 -4.32 8.08
N LEU A 120 -23.02 -3.71 8.46
CA LEU A 120 -22.18 -3.00 7.51
C LEU A 120 -20.85 -3.71 7.27
N GLN A 121 -20.47 -3.78 5.99
CA GLN A 121 -19.16 -4.30 5.60
C GLN A 121 -18.19 -3.15 5.46
N LEU A 122 -16.89 -3.44 5.54
CA LEU A 122 -15.86 -2.40 5.40
C LEU A 122 -15.97 -1.72 4.05
N GLU A 123 -16.03 -2.53 2.99
CA GLU A 123 -16.20 -2.03 1.62
C GLU A 123 -17.57 -2.43 1.08
N PRO A 124 -18.42 -1.44 0.75
CA PRO A 124 -18.11 -0.01 0.78
C PRO A 124 -18.70 0.74 1.98
N ASP A 125 -19.44 0.04 2.83
CA ASP A 125 -20.29 0.67 3.85
C ASP A 125 -19.52 1.51 4.88
N LEU A 126 -18.56 0.90 5.57
CA LEU A 126 -17.83 1.59 6.63
C LEU A 126 -16.86 2.63 6.07
N THR A 127 -16.26 2.30 4.93
CA THR A 127 -15.41 3.23 4.18
C THR A 127 -16.16 4.52 3.85
N ASN A 128 -17.40 4.38 3.35
CA ASN A 128 -18.23 5.56 3.05
C ASN A 128 -18.55 6.39 4.30
N VAL A 129 -18.86 5.72 5.42
CA VAL A 129 -19.15 6.42 6.67
C VAL A 129 -17.94 7.26 7.11
N MET A 130 -16.77 6.64 7.15
CA MET A 130 -15.55 7.36 7.52
C MET A 130 -15.28 8.54 6.59
N ALA A 131 -15.52 8.34 5.30
CA ALA A 131 -15.26 9.36 4.29
C ALA A 131 -16.22 10.56 4.34
N THR A 132 -17.50 10.29 4.60
CA THR A 132 -18.55 11.29 4.38
C THR A 132 -19.24 11.83 5.63
N SER A 133 -19.28 11.03 6.70
CA SER A 133 -19.94 11.47 7.94
C SER A 133 -19.17 12.62 8.58
N ARG A 134 -19.91 13.67 8.98
CA ARG A 134 -19.33 14.80 9.69
C ARG A 134 -19.89 14.89 11.12
N LYS A 135 -20.37 13.76 11.62
CA LYS A 135 -20.92 13.67 12.97
C LYS A 135 -20.03 12.80 13.85
N TYR A 136 -19.54 13.39 14.94
CA TYR A 136 -18.60 12.75 15.86
C TYR A 136 -19.00 11.34 16.28
N GLU A 137 -20.26 11.17 16.71
CA GLU A 137 -20.74 9.89 17.25
C GLU A 137 -20.86 8.80 16.18
N ASP A 138 -21.27 9.18 14.97
CA ASP A 138 -21.42 8.22 13.87
C ASP A 138 -20.06 7.69 13.41
N LEU A 139 -19.09 8.59 13.33
CA LEU A 139 -17.71 8.22 13.03
C LEU A 139 -17.16 7.32 14.13
N LEU A 140 -17.45 7.67 15.38
CA LEU A 140 -17.00 6.86 16.51
C LEU A 140 -17.59 5.44 16.46
N TRP A 141 -18.88 5.33 16.14
CA TRP A 141 -19.54 4.02 16.04
C TRP A 141 -18.82 3.10 15.04
N ALA A 142 -18.52 3.65 13.86
CA ALA A 142 -17.85 2.89 12.80
C ALA A 142 -16.41 2.54 13.17
N TRP A 143 -15.67 3.51 13.68
CA TRP A 143 -14.26 3.34 14.07
C TRP A 143 -14.11 2.28 15.15
N GLU A 144 -14.89 2.41 16.22
CA GLU A 144 -14.85 1.48 17.35
C GLU A 144 -15.42 0.11 16.99
N GLY A 145 -16.53 0.10 16.25
CA GLY A 145 -17.20 -1.13 15.85
C GLY A 145 -16.31 -2.00 14.98
N TRP A 146 -15.67 -1.38 13.99
CA TRP A 146 -14.74 -2.10 13.13
C TRP A 146 -13.61 -2.74 13.94
N ARG A 147 -13.06 -2.00 14.89
CA ARG A 147 -12.01 -2.54 15.75
C ARG A 147 -12.50 -3.66 16.68
N ASP A 148 -13.72 -3.51 17.20
CA ASP A 148 -14.35 -4.56 18.03
C ASP A 148 -14.55 -5.85 17.25
N LYS A 149 -14.97 -5.74 16.00
CA LYS A 149 -15.32 -6.93 15.23
C LYS A 149 -14.12 -7.54 14.52
N ALA A 150 -13.33 -6.73 13.82
CA ALA A 150 -12.17 -7.22 13.07
C ALA A 150 -10.92 -7.38 13.93
N GLY A 151 -10.50 -6.31 14.61
CA GLY A 151 -9.27 -6.32 15.41
C GLY A 151 -9.24 -7.37 16.51
N ARG A 152 -10.27 -7.37 17.36
CA ARG A 152 -10.38 -8.36 18.44
C ARG A 152 -10.33 -9.79 17.93
N ALA A 153 -10.89 -10.02 16.74
CA ALA A 153 -11.01 -11.38 16.21
C ALA A 153 -9.71 -11.93 15.63
N ILE A 154 -8.72 -11.05 15.43
CA ILE A 154 -7.41 -11.47 14.93
C ILE A 154 -6.48 -11.83 16.08
N LEU A 155 -6.72 -11.27 17.26
CA LEU A 155 -5.82 -11.43 18.42
C LEU A 155 -5.50 -12.88 18.79
N GLN A 156 -6.47 -13.77 18.70
CA GLN A 156 -6.24 -15.18 19.09
C GLN A 156 -5.17 -15.88 18.22
N PHE A 157 -4.99 -15.39 17.00
CA PHE A 157 -4.07 -16.01 16.03
C PHE A 157 -2.67 -15.41 16.03
N TYR A 158 -2.56 -14.14 16.42
CA TYR A 158 -1.34 -13.38 16.16
C TYR A 158 -0.05 -13.90 16.81
N PRO A 159 -0.10 -14.26 18.12
CA PRO A 159 1.12 -14.78 18.76
C PRO A 159 1.70 -16.03 18.10
N LYS A 160 0.84 -16.95 17.66
CA LYS A 160 1.30 -18.15 16.99
C LYS A 160 1.81 -17.81 15.59
N TYR A 161 1.12 -16.90 14.91
CA TYR A 161 1.60 -16.34 13.64
C TYR A 161 3.04 -15.82 13.76
N VAL A 162 3.29 -15.02 14.79
CA VAL A 162 4.61 -14.42 15.02
C VAL A 162 5.66 -15.51 15.28
N GLU A 163 5.29 -16.49 16.10
CA GLU A 163 6.18 -17.61 16.45
C GLU A 163 6.61 -18.37 15.19
N LEU A 164 5.65 -18.67 14.32
CA LEU A 164 5.91 -19.48 13.13
C LEU A 164 6.60 -18.72 12.00
N ILE A 165 6.23 -17.46 11.81
CA ILE A 165 6.91 -16.64 10.79
C ILE A 165 8.38 -16.36 11.19
N ASN A 166 8.62 -16.20 12.49
CA ASN A 166 9.98 -16.06 13.01
C ASN A 166 10.79 -17.35 12.86
N GLN A 167 10.16 -18.48 13.21
CA GLN A 167 10.80 -19.79 13.07
C GLN A 167 11.25 -20.02 11.63
N ALA A 168 10.36 -19.77 10.67
CA ALA A 168 10.69 -19.88 9.25
C ALA A 168 11.87 -18.98 8.85
N ALA A 169 11.83 -17.73 9.29
CA ALA A 169 12.92 -16.77 9.03
C ALA A 169 14.27 -17.28 9.52
N ARG A 170 14.30 -17.79 10.75
CA ARG A 170 15.53 -18.32 11.36
C ARG A 170 16.05 -19.53 10.59
N LEU A 171 15.13 -20.37 10.10
CA LEU A 171 15.50 -21.53 9.32
C LEU A 171 16.08 -21.14 7.96
N ASN A 172 15.82 -19.91 7.53
CA ASN A 172 16.40 -19.40 6.28
C ASN A 172 17.56 -18.44 6.50
N GLY A 173 18.10 -18.43 7.74
CA GLY A 173 19.33 -17.70 8.03
C GLY A 173 19.17 -16.27 8.53
N TYR A 174 17.95 -15.86 8.83
CA TYR A 174 17.69 -14.54 9.41
C TYR A 174 17.48 -14.64 10.93
N VAL A 175 17.55 -13.51 11.64
CA VAL A 175 17.37 -13.53 13.10
C VAL A 175 15.90 -13.53 13.50
N ASP A 176 15.06 -12.90 12.67
CA ASP A 176 13.60 -12.89 12.85
C ASP A 176 12.94 -12.50 11.53
N ALA A 177 11.61 -12.49 11.49
CA ALA A 177 10.89 -12.19 10.23
C ALA A 177 11.12 -10.76 9.75
N GLY A 178 11.22 -9.83 10.69
CA GLY A 178 11.47 -8.42 10.37
C GLY A 178 12.82 -8.23 9.70
N ASP A 179 13.84 -8.92 10.22
CA ASP A 179 15.16 -8.93 9.61
C ASP A 179 15.09 -9.39 8.15
N SER A 180 14.37 -10.48 7.91
CA SER A 180 14.21 -11.02 6.56
C SER A 180 13.49 -10.05 5.62
N TRP A 181 12.47 -9.37 6.15
CA TRP A 181 11.71 -8.40 5.37
C TRP A 181 12.57 -7.20 4.97
N ARG A 182 13.32 -6.66 5.94
CA ARG A 182 14.23 -5.54 5.68
C ARG A 182 15.31 -5.90 4.67
N SER A 183 15.78 -7.15 4.72
CA SER A 183 16.89 -7.62 3.88
C SER A 183 16.53 -7.68 2.41
N MET A 184 15.23 -7.73 2.12
CA MET A 184 14.75 -7.78 0.74
C MET A 184 15.09 -6.52 -0.05
N TYR A 185 15.42 -5.43 0.65
CA TYR A 185 15.86 -4.19 0.00
C TYR A 185 17.35 -4.18 -0.37
N GLU A 186 18.07 -5.20 0.09
CA GLU A 186 19.50 -5.37 -0.22
C GLU A 186 20.30 -4.10 0.08
N THR A 187 20.00 -3.48 1.22
CA THR A 187 20.55 -2.17 1.57
C THR A 187 20.93 -2.15 3.05
N PRO A 188 22.24 -2.25 3.34
CA PRO A 188 22.71 -2.28 4.74
C PRO A 188 22.22 -1.09 5.58
N SER A 189 22.16 0.10 4.98
CA SER A 189 21.78 1.32 5.69
C SER A 189 20.27 1.61 5.71
N LEU A 190 19.46 0.62 5.33
CA LEU A 190 18.02 0.82 5.16
C LEU A 190 17.33 1.60 6.28
N GLU A 191 17.47 1.12 7.53
CA GLU A 191 16.78 1.74 8.66
C GLU A 191 17.16 3.22 8.85
N GLN A 192 18.45 3.52 8.76
CA GLN A 192 18.90 4.90 8.86
C GLN A 192 18.41 5.74 7.68
N ASP A 193 18.48 5.17 6.47
CA ASP A 193 17.98 5.82 5.25
C ASP A 193 16.51 6.22 5.41
N LEU A 194 15.71 5.30 5.92
CA LEU A 194 14.28 5.56 6.11
C LEU A 194 14.02 6.58 7.22
N GLU A 195 14.78 6.49 8.30
CA GLU A 195 14.69 7.47 9.39
C GLU A 195 14.96 8.90 8.88
N ARG A 196 16.03 9.06 8.10
CA ARG A 196 16.39 10.36 7.55
C ARG A 196 15.31 10.94 6.62
N LEU A 197 14.72 10.09 5.77
CA LEU A 197 13.63 10.50 4.89
C LEU A 197 12.40 10.92 5.69
N PHE A 198 12.12 10.21 6.77
CA PHE A 198 11.02 10.57 7.65
C PHE A 198 11.24 11.95 8.28
N GLN A 199 12.47 12.18 8.74
CA GLN A 199 12.83 13.45 9.41
C GLN A 199 12.69 14.65 8.49
N GLU A 200 13.04 14.45 7.22
CA GLU A 200 12.94 15.48 6.19
C GLU A 200 11.50 15.93 5.93
N LEU A 201 10.55 15.03 6.13
CA LEU A 201 9.14 15.37 5.94
C LEU A 201 8.43 15.90 7.17
N GLN A 202 9.18 16.05 8.27
CA GLN A 202 8.64 16.53 9.54
C GLN A 202 8.05 17.96 9.51
N PRO A 203 8.78 18.94 8.95
CA PRO A 203 8.21 20.29 8.87
C PRO A 203 6.89 20.31 8.09
N LEU A 204 6.82 19.57 6.99
CA LEU A 204 5.60 19.48 6.19
C LEU A 204 4.48 18.78 6.95
N TYR A 205 4.77 17.65 7.59
CA TYR A 205 3.74 16.93 8.35
C TYR A 205 3.26 17.70 9.59
N LEU A 206 4.17 18.27 10.35
CA LEU A 206 3.79 18.99 11.57
C LEU A 206 2.89 20.20 11.25
N ASN A 207 3.22 20.92 10.17
CA ASN A 207 2.40 22.06 9.73
C ASN A 207 1.04 21.63 9.20
N LEU A 208 1.00 20.54 8.42
CA LEU A 208 -0.27 19.99 7.95
C LEU A 208 -1.15 19.57 9.12
N HIS A 209 -0.56 18.83 10.06
CA HIS A 209 -1.23 18.36 11.27
C HIS A 209 -1.85 19.51 12.08
N ALA A 210 -1.07 20.56 12.32
CA ALA A 210 -1.53 21.71 13.08
C ALA A 210 -2.69 22.41 12.39
N TYR A 211 -2.58 22.57 11.06
CA TYR A 211 -3.61 23.22 10.26
C TYR A 211 -4.92 22.42 10.23
N VAL A 212 -4.80 21.10 10.07
CA VAL A 212 -5.97 20.22 10.06
C VAL A 212 -6.64 20.17 11.45
N ARG A 213 -5.82 20.11 12.50
CA ARG A 213 -6.30 20.12 13.88
C ARG A 213 -7.14 21.40 14.15
N ARG A 214 -6.64 22.55 13.69
CA ARG A 214 -7.38 23.81 13.77
C ARG A 214 -8.73 23.74 13.04
N ALA A 215 -8.72 23.15 11.84
CA ALA A 215 -9.95 22.99 11.05
C ALA A 215 -10.95 22.06 11.73
N LEU A 216 -10.44 20.99 12.35
CA LEU A 216 -11.28 20.06 13.11
C LEU A 216 -11.84 20.71 14.38
N HIS A 217 -11.03 21.55 15.01
CA HIS A 217 -11.45 22.37 16.14
C HIS A 217 -12.65 23.23 15.74
N ARG A 218 -12.57 23.82 14.55
CA ARG A 218 -13.62 24.65 13.99
C ARG A 218 -14.93 23.87 13.76
N HIS A 219 -14.85 22.68 13.17
CA HIS A 219 -16.06 21.91 12.88
C HIS A 219 -16.62 21.10 14.07
N TYR A 220 -15.74 20.38 14.76
CA TYR A 220 -16.17 19.47 15.82
C TYR A 220 -16.30 20.13 17.19
N GLY A 221 -15.78 21.34 17.33
CA GLY A 221 -15.97 22.13 18.55
C GLY A 221 -14.79 22.12 19.50
N ALA A 222 -14.59 23.26 20.16
CA ALA A 222 -13.47 23.49 21.07
C ALA A 222 -13.39 22.46 22.21
N GLN A 223 -14.55 21.94 22.62
CA GLN A 223 -14.64 20.97 23.71
C GLN A 223 -14.17 19.57 23.30
N HIS A 224 -13.96 19.36 21.99
CA HIS A 224 -13.62 18.02 21.48
C HIS A 224 -12.26 17.94 20.80
N ILE A 225 -11.60 19.08 20.62
CA ILE A 225 -10.27 19.14 20.01
C ILE A 225 -9.34 19.98 20.87
N ASN A 226 -8.22 19.40 21.27
CA ASN A 226 -7.16 20.10 21.99
C ASN A 226 -6.16 20.64 20.97
N LEU A 227 -6.02 21.96 20.94
CA LEU A 227 -5.16 22.63 19.95
C LEU A 227 -3.67 22.40 20.21
N GLU A 228 -3.35 21.79 21.36
CA GLU A 228 -1.96 21.45 21.69
C GLU A 228 -1.81 19.96 21.92
N GLY A 229 -2.84 19.20 21.54
CA GLY A 229 -2.86 17.75 21.74
C GLY A 229 -2.92 16.96 20.46
N PRO A 230 -2.88 15.62 20.58
CA PRO A 230 -3.07 14.77 19.40
C PRO A 230 -4.51 14.80 18.90
N ILE A 231 -4.70 14.47 17.63
CA ILE A 231 -6.03 14.49 16.99
C ILE A 231 -6.72 13.14 17.20
N PRO A 232 -8.01 13.17 17.60
CA PRO A 232 -8.78 11.91 17.69
C PRO A 232 -8.78 11.16 16.36
N ALA A 233 -8.45 9.87 16.41
CA ALA A 233 -8.12 9.08 15.21
C ALA A 233 -9.26 8.74 14.26
N HIS A 234 -10.49 9.09 14.62
CA HIS A 234 -11.67 8.77 13.81
C HIS A 234 -12.17 9.94 12.94
N LEU A 235 -11.45 11.06 12.97
CA LEU A 235 -11.94 12.30 12.36
C LEU A 235 -11.31 12.67 11.02
N LEU A 236 -10.48 11.79 10.47
CA LEU A 236 -9.63 12.15 9.33
C LEU A 236 -10.12 11.63 7.98
N GLY A 237 -11.32 11.06 7.93
CA GLY A 237 -11.96 10.69 6.67
C GLY A 237 -11.64 9.29 6.19
N ASN A 238 -10.91 8.55 7.03
CA ASN A 238 -10.36 7.25 6.67
C ASN A 238 -10.31 6.39 7.93
N MET A 239 -10.66 5.12 7.79
CA MET A 239 -10.72 4.18 8.93
C MET A 239 -9.44 4.15 9.78
N TRP A 240 -8.30 4.30 9.13
CA TRP A 240 -7.01 4.21 9.81
C TRP A 240 -6.31 5.57 9.91
N ALA A 241 -7.01 6.64 9.54
CA ALA A 241 -6.44 7.99 9.49
C ALA A 241 -5.07 8.01 8.80
N GLN A 242 -4.94 7.22 7.74
CA GLN A 242 -3.67 7.05 7.04
C GLN A 242 -3.55 8.03 5.89
N THR A 243 -4.70 8.41 5.33
CA THR A 243 -4.81 9.40 4.25
C THR A 243 -6.05 10.25 4.53
N TRP A 244 -5.92 11.56 4.35
CA TRP A 244 -6.90 12.50 4.90
C TRP A 244 -7.74 13.29 3.90
N SER A 245 -7.61 13.03 2.60
CA SER A 245 -8.25 13.92 1.61
C SER A 245 -9.78 13.89 1.62
N ASN A 246 -10.36 12.85 2.23
CA ASN A 246 -11.82 12.79 2.37
C ASN A 246 -12.42 13.88 3.25
N ILE A 247 -11.58 14.55 4.04
CA ILE A 247 -12.04 15.71 4.82
C ILE A 247 -11.60 17.06 4.22
N TYR A 248 -11.29 17.06 2.92
CA TYR A 248 -10.92 18.29 2.20
C TYR A 248 -11.92 19.42 2.47
N ASP A 249 -13.21 19.09 2.43
CA ASP A 249 -14.28 20.07 2.59
C ASP A 249 -14.20 20.82 3.93
N LEU A 250 -13.60 20.18 4.93
CA LEU A 250 -13.45 20.80 6.24
C LEU A 250 -12.23 21.72 6.33
N VAL A 251 -11.27 21.53 5.44
CA VAL A 251 -9.96 22.17 5.55
C VAL A 251 -9.59 23.09 4.38
N VAL A 252 -10.44 23.16 3.35
CA VAL A 252 -10.11 23.89 2.12
C VAL A 252 -9.61 25.32 2.41
N PRO A 253 -8.36 25.62 2.03
CA PRO A 253 -7.67 26.88 2.30
C PRO A 253 -8.41 28.10 1.76
N PHE A 254 -8.94 28.00 0.54
CA PHE A 254 -9.68 29.09 -0.09
C PHE A 254 -11.02 28.60 -0.59
N PRO A 255 -12.05 28.58 0.29
CA PRO A 255 -13.38 28.09 -0.06
C PRO A 255 -14.11 28.99 -1.07
N SER A 256 -13.55 30.15 -1.36
CA SER A 256 -14.06 31.02 -2.44
C SER A 256 -13.84 30.40 -3.81
N ALA A 257 -12.90 29.46 -3.87
CA ALA A 257 -12.65 28.67 -5.07
C ALA A 257 -13.12 27.24 -4.83
N PRO A 258 -14.42 26.95 -5.13
CA PRO A 258 -14.95 25.62 -4.86
C PRO A 258 -14.70 24.61 -5.99
N SER A 259 -14.71 23.32 -5.62
CA SER A 259 -14.67 22.23 -6.60
C SER A 259 -15.98 21.47 -6.50
N MET A 260 -16.40 20.86 -7.60
CA MET A 260 -17.65 20.10 -7.59
C MET A 260 -17.48 18.73 -6.98
N ASP A 261 -18.61 18.13 -6.61
CA ASP A 261 -18.68 16.77 -6.11
C ASP A 261 -18.24 15.83 -7.25
N THR A 262 -17.05 15.26 -7.11
CA THR A 262 -16.49 14.38 -8.14
C THR A 262 -17.19 13.02 -8.18
N THR A 263 -17.69 12.57 -7.03
CA THR A 263 -18.50 11.35 -6.95
C THR A 263 -19.80 11.52 -7.74
N GLU A 264 -20.49 12.63 -7.49
CA GLU A 264 -21.74 12.95 -8.19
C GLU A 264 -21.52 13.07 -9.70
N ALA A 265 -20.39 13.66 -10.08
CA ALA A 265 -20.05 13.85 -11.49
C ALA A 265 -19.82 12.51 -12.18
N MET A 266 -19.04 11.63 -11.54
CA MET A 266 -18.75 10.31 -12.09
C MET A 266 -20.00 9.46 -12.22
N LEU A 267 -20.84 9.50 -11.19
CA LEU A 267 -22.08 8.71 -11.19
C LEU A 267 -23.04 9.18 -12.29
N LYS A 268 -23.27 10.49 -12.35
CA LYS A 268 -24.25 11.06 -13.28
C LYS A 268 -23.81 10.91 -14.73
N GLN A 269 -22.52 11.06 -14.99
CA GLN A 269 -21.98 10.99 -16.36
C GLN A 269 -21.69 9.56 -16.85
N GLY A 270 -22.15 8.57 -16.09
CA GLY A 270 -22.16 7.18 -16.53
C GLY A 270 -20.91 6.35 -16.28
N TRP A 271 -20.05 6.80 -15.36
CA TRP A 271 -18.86 6.02 -15.01
C TRP A 271 -19.22 4.72 -14.32
N THR A 272 -18.52 3.66 -14.71
CA THR A 272 -18.68 2.32 -14.15
C THR A 272 -17.28 1.80 -13.82
N PRO A 273 -17.17 0.73 -12.99
CA PRO A 273 -15.86 0.13 -12.74
C PRO A 273 -15.10 -0.24 -14.02
N ARG A 274 -15.78 -0.86 -14.99
CA ARG A 274 -15.14 -1.21 -16.25
C ARG A 274 -14.59 0.04 -16.96
N ARG A 275 -15.38 1.11 -16.98
CA ARG A 275 -14.96 2.35 -17.61
C ARG A 275 -13.78 3.01 -16.87
N MET A 276 -13.77 2.87 -15.54
CA MET A 276 -12.69 3.39 -14.72
C MET A 276 -11.35 2.70 -15.05
N PHE A 277 -11.41 1.38 -15.24
CA PHE A 277 -10.21 0.63 -15.60
C PHE A 277 -9.77 0.87 -17.06
N LYS A 278 -10.73 1.02 -17.97
CA LYS A 278 -10.44 1.39 -19.37
C LYS A 278 -9.72 2.72 -19.40
N GLU A 279 -10.18 3.66 -18.59
CA GLU A 279 -9.58 4.97 -18.47
C GLU A 279 -8.11 4.91 -18.05
N ALA A 280 -7.82 4.05 -17.08
CA ALA A 280 -6.45 3.82 -16.63
C ALA A 280 -5.62 3.15 -17.73
N ASP A 281 -6.22 2.18 -18.41
CA ASP A 281 -5.61 1.51 -19.56
C ASP A 281 -5.24 2.54 -20.63
N ASP A 282 -6.18 3.45 -20.91
CA ASP A 282 -5.99 4.53 -21.88
C ASP A 282 -4.89 5.50 -21.49
N PHE A 283 -4.74 5.77 -20.19
CA PHE A 283 -3.65 6.63 -19.71
C PHE A 283 -2.30 5.96 -19.97
N PHE A 284 -2.20 4.67 -19.63
CA PHE A 284 -0.98 3.90 -19.88
C PHE A 284 -0.58 3.89 -21.37
N THR A 285 -1.53 3.59 -22.26
CA THR A 285 -1.23 3.56 -23.70
C THR A 285 -0.86 4.95 -24.26
N SER A 286 -1.37 6.01 -23.63
CA SER A 286 -1.02 7.39 -24.01
C SER A 286 0.45 7.68 -23.78
N LEU A 287 1.07 6.94 -22.86
CA LEU A 287 2.50 7.01 -22.58
C LEU A 287 3.30 6.09 -23.50
N GLY A 288 2.59 5.35 -24.36
CA GLY A 288 3.22 4.36 -25.23
C GLY A 288 3.50 3.07 -24.49
N LEU A 289 2.93 2.93 -23.30
CA LEU A 289 3.05 1.72 -22.50
C LEU A 289 2.04 0.68 -22.97
N LEU A 290 2.15 -0.54 -22.44
CA LEU A 290 1.36 -1.67 -22.91
C LEU A 290 -0.10 -1.64 -22.45
N PRO A 291 -1.03 -1.97 -23.35
CA PRO A 291 -2.42 -2.22 -22.96
C PRO A 291 -2.55 -3.56 -22.26
N VAL A 292 -3.55 -3.71 -21.41
CA VAL A 292 -3.85 -5.01 -20.82
C VAL A 292 -4.46 -5.93 -21.88
N PRO A 293 -4.15 -7.23 -21.84
CA PRO A 293 -4.65 -8.17 -22.85
C PRO A 293 -6.17 -8.36 -22.78
N PRO A 294 -6.81 -8.76 -23.89
CA PRO A 294 -8.24 -9.10 -23.85
C PRO A 294 -8.61 -10.02 -22.69
N GLU A 295 -7.70 -10.94 -22.35
CA GLU A 295 -7.91 -11.90 -21.25
C GLU A 295 -8.18 -11.21 -19.90
N PHE A 296 -7.51 -10.10 -19.65
CA PHE A 296 -7.69 -9.30 -18.43
C PHE A 296 -9.16 -8.91 -18.24
N TRP A 297 -9.80 -8.48 -19.33
CA TRP A 297 -11.19 -8.03 -19.29
C TRP A 297 -12.19 -9.16 -19.08
N ASN A 298 -11.83 -10.36 -19.54
CA ASN A 298 -12.70 -11.51 -19.38
C ASN A 298 -12.57 -12.17 -18.00
N LYS A 299 -11.37 -12.12 -17.42
CA LYS A 299 -11.09 -12.87 -16.18
C LYS A 299 -11.05 -12.06 -14.88
N SER A 300 -10.86 -10.75 -14.98
CA SER A 300 -10.76 -9.91 -13.77
C SER A 300 -12.07 -9.80 -12.99
N MET A 301 -11.95 -9.51 -11.69
CA MET A 301 -13.10 -9.19 -10.86
C MET A 301 -13.02 -7.71 -10.49
N LEU A 302 -13.70 -6.87 -11.26
CA LEU A 302 -13.58 -5.42 -11.12
C LEU A 302 -14.64 -4.79 -10.22
N GLU A 303 -15.55 -5.62 -9.70
CA GLU A 303 -16.55 -5.17 -8.74
C GLU A 303 -16.96 -6.33 -7.83
N LYS A 304 -17.54 -5.98 -6.68
CA LYS A 304 -18.05 -6.96 -5.74
C LYS A 304 -19.16 -7.76 -6.41
N PRO A 305 -19.07 -9.10 -6.37
CA PRO A 305 -20.09 -9.96 -6.97
C PRO A 305 -21.47 -9.76 -6.35
N THR A 306 -22.50 -9.88 -7.19
CA THR A 306 -23.89 -9.86 -6.73
C THR A 306 -24.46 -11.27 -6.83
N ASP A 307 -23.54 -12.24 -6.93
CA ASP A 307 -23.85 -13.68 -7.01
C ASP A 307 -24.33 -14.26 -5.69
N GLY A 308 -23.95 -13.61 -4.59
CA GLY A 308 -24.04 -14.21 -3.26
C GLY A 308 -22.67 -14.71 -2.81
N ARG A 309 -21.69 -14.64 -3.71
CA ARG A 309 -20.31 -15.00 -3.40
C ARG A 309 -19.71 -14.13 -2.30
N GLU A 310 -18.96 -14.76 -1.39
CA GLU A 310 -18.17 -14.03 -0.42
C GLU A 310 -16.75 -13.86 -1.01
N VAL A 311 -16.19 -12.66 -0.90
CA VAL A 311 -14.88 -12.37 -1.51
C VAL A 311 -13.95 -11.60 -0.59
N VAL A 312 -12.66 -11.61 -0.93
CA VAL A 312 -11.69 -10.68 -0.34
C VAL A 312 -11.70 -9.42 -1.21
N CYS A 313 -12.28 -8.36 -0.67
CA CYS A 313 -12.46 -7.11 -1.42
C CYS A 313 -11.18 -6.31 -1.62
N HIS A 314 -10.28 -6.34 -0.64
CA HIS A 314 -9.06 -5.51 -0.70
C HIS A 314 -8.38 -5.64 -2.05
N ALA A 315 -8.16 -4.50 -2.71
CA ALA A 315 -7.62 -4.48 -4.07
C ALA A 315 -6.28 -5.20 -4.17
N SER A 316 -6.09 -5.93 -5.26
CA SER A 316 -4.80 -6.58 -5.54
C SER A 316 -4.68 -6.94 -7.02
N ALA A 317 -3.42 -7.03 -7.48
CA ALA A 317 -3.13 -7.31 -8.88
C ALA A 317 -2.41 -8.65 -8.98
N TRP A 318 -2.82 -9.47 -9.94
CA TRP A 318 -2.48 -10.87 -9.95
C TRP A 318 -1.72 -11.26 -11.20
N ASP A 319 -0.49 -11.74 -11.00
CA ASP A 319 0.32 -12.33 -12.07
C ASP A 319 0.16 -13.85 -11.96
N PHE A 320 -0.23 -14.48 -13.07
CA PHE A 320 -0.41 -15.94 -13.06
C PHE A 320 0.79 -16.69 -13.61
N TYR A 321 1.86 -15.95 -13.86
CA TYR A 321 3.17 -16.50 -14.20
C TYR A 321 3.18 -17.39 -15.44
N ASN A 322 2.47 -16.94 -16.48
CA ASN A 322 2.50 -17.59 -17.79
C ASN A 322 2.66 -16.56 -18.91
N GLY A 323 2.99 -15.32 -18.51
CA GLY A 323 3.22 -14.23 -19.45
C GLY A 323 2.01 -13.77 -20.27
N LYS A 324 0.81 -14.23 -19.89
CA LYS A 324 -0.39 -13.97 -20.68
C LYS A 324 -1.59 -13.56 -19.81
N ASP A 325 -1.68 -14.16 -18.62
CA ASP A 325 -2.82 -14.04 -17.74
C ASP A 325 -2.47 -13.11 -16.56
N PHE A 326 -3.09 -11.92 -16.58
CA PHE A 326 -2.93 -10.91 -15.54
C PHE A 326 -4.33 -10.43 -15.16
N ARG A 327 -4.58 -10.26 -13.87
CA ARG A 327 -5.92 -9.89 -13.38
C ARG A 327 -5.89 -8.92 -12.22
N ILE A 328 -6.92 -8.09 -12.12
CA ILE A 328 -7.16 -7.29 -10.92
C ILE A 328 -8.41 -7.79 -10.21
N LYS A 329 -8.33 -7.87 -8.89
CA LYS A 329 -9.46 -8.20 -8.03
C LYS A 329 -9.70 -7.01 -7.14
N GLN A 330 -10.81 -6.32 -7.36
CA GLN A 330 -11.13 -5.09 -6.63
C GLN A 330 -12.64 -4.89 -6.53
N CYS A 331 -13.12 -4.60 -5.32
CA CYS A 331 -14.53 -4.25 -5.12
C CYS A 331 -14.71 -2.75 -5.39
N THR A 332 -14.60 -2.39 -6.66
CA THR A 332 -14.58 -1.00 -7.10
C THR A 332 -15.91 -0.27 -6.86
N THR A 333 -15.82 0.91 -6.25
CA THR A 333 -16.92 1.84 -6.09
C THR A 333 -16.70 2.97 -7.10
N VAL A 334 -17.78 3.52 -7.65
CA VAL A 334 -17.65 4.64 -8.59
C VAL A 334 -17.40 5.96 -7.86
N ASN A 335 -16.13 6.30 -7.70
CA ASN A 335 -15.70 7.57 -7.12
C ASN A 335 -14.26 7.87 -7.51
N LEU A 336 -13.78 9.07 -7.21
CA LEU A 336 -12.42 9.46 -7.57
C LEU A 336 -11.35 8.64 -6.85
N GLU A 337 -11.58 8.35 -5.57
CA GLU A 337 -10.66 7.55 -4.77
C GLU A 337 -10.35 6.21 -5.44
N ASP A 338 -11.38 5.52 -5.89
CA ASP A 338 -11.21 4.20 -6.50
C ASP A 338 -10.70 4.28 -7.94
N LEU A 339 -10.86 5.44 -8.56
CA LEU A 339 -10.21 5.69 -9.84
C LEU A 339 -8.70 5.75 -9.63
N VAL A 340 -8.27 6.42 -8.55
CA VAL A 340 -6.85 6.44 -8.17
C VAL A 340 -6.36 5.01 -7.86
N VAL A 341 -7.15 4.27 -7.09
CA VAL A 341 -6.83 2.87 -6.77
C VAL A 341 -6.73 2.03 -8.05
N ALA A 342 -7.68 2.21 -8.96
CA ALA A 342 -7.65 1.51 -10.26
C ALA A 342 -6.34 1.75 -11.00
N HIS A 343 -5.88 3.00 -11.02
CA HIS A 343 -4.60 3.36 -11.63
C HIS A 343 -3.43 2.69 -10.92
N HIS A 344 -3.45 2.71 -9.59
CA HIS A 344 -2.43 2.04 -8.78
C HIS A 344 -2.31 0.57 -9.18
N GLU A 345 -3.46 -0.10 -9.22
CA GLU A 345 -3.51 -1.52 -9.55
C GLU A 345 -3.07 -1.81 -10.97
N MET A 346 -3.44 -0.93 -11.90
CA MET A 346 -3.04 -1.07 -13.29
C MET A 346 -1.54 -0.85 -13.48
N GLY A 347 -0.93 -0.13 -12.53
CA GLY A 347 0.54 -0.02 -12.44
C GLY A 347 1.22 -1.35 -12.17
N HIS A 348 0.70 -2.13 -11.23
CA HIS A 348 1.17 -3.49 -10.98
C HIS A 348 1.08 -4.34 -12.25
N ILE A 349 -0.07 -4.28 -12.93
CA ILE A 349 -0.28 -5.05 -14.15
C ILE A 349 0.72 -4.65 -15.24
N GLN A 350 0.93 -3.34 -15.42
CA GLN A 350 1.94 -2.86 -16.37
C GLN A 350 3.31 -3.45 -16.07
N TYR A 351 3.71 -3.42 -14.80
CA TYR A 351 4.98 -3.98 -14.37
C TYR A 351 5.04 -5.48 -14.73
N PHE A 352 3.99 -6.23 -14.40
CA PHE A 352 3.89 -7.66 -14.74
C PHE A 352 4.15 -7.91 -16.23
N MET A 353 3.51 -7.10 -17.06
CA MET A 353 3.61 -7.24 -18.50
C MET A 353 4.99 -6.85 -19.03
N GLN A 354 5.62 -5.87 -18.39
CA GLN A 354 6.93 -5.39 -18.83
C GLN A 354 8.03 -6.42 -18.62
N TYR A 355 7.98 -7.15 -17.50
CA TYR A 355 9.02 -8.12 -17.18
C TYR A 355 8.61 -9.59 -17.42
N LYS A 356 7.55 -9.78 -18.19
CA LYS A 356 6.95 -11.11 -18.40
C LYS A 356 7.86 -12.14 -19.07
N ASP A 357 8.91 -11.66 -19.74
CA ASP A 357 9.83 -12.55 -20.46
C ASP A 357 11.06 -12.94 -19.64
N LEU A 358 11.23 -12.32 -18.48
CA LEU A 358 12.30 -12.69 -17.56
C LEU A 358 11.99 -14.03 -16.91
N PRO A 359 13.02 -14.75 -16.44
CA PRO A 359 12.75 -15.94 -15.64
C PRO A 359 11.87 -15.60 -14.45
N VAL A 360 11.06 -16.57 -14.01
CA VAL A 360 10.09 -16.39 -12.92
C VAL A 360 10.72 -15.77 -11.65
N ALA A 361 11.93 -16.22 -11.32
CA ALA A 361 12.64 -15.74 -10.13
C ALA A 361 12.88 -14.24 -10.13
N LEU A 362 12.86 -13.63 -11.31
CA LEU A 362 13.13 -12.19 -11.43
C LEU A 362 11.89 -11.38 -11.82
N ARG A 363 10.73 -12.05 -11.82
CA ARG A 363 9.46 -11.40 -12.12
C ARG A 363 8.86 -10.70 -10.89
N GLU A 364 9.60 -9.70 -10.39
CA GLU A 364 9.10 -8.77 -9.38
C GLU A 364 9.79 -7.42 -9.58
N GLY A 365 9.42 -6.42 -8.77
CA GLY A 365 9.93 -5.06 -8.93
C GLY A 365 11.40 -4.95 -8.53
N ALA A 366 12.05 -3.87 -8.94
CA ALA A 366 13.44 -3.64 -8.54
C ALA A 366 13.54 -3.72 -7.01
N ASN A 367 12.61 -3.08 -6.32
CA ASN A 367 12.24 -3.44 -4.94
C ASN A 367 10.71 -3.33 -4.80
N PRO A 368 10.14 -3.82 -3.67
CA PRO A 368 8.68 -3.77 -3.56
C PRO A 368 8.08 -2.35 -3.61
N GLY A 369 8.86 -1.36 -3.20
CA GLY A 369 8.46 0.05 -3.31
C GLY A 369 8.28 0.52 -4.76
N PHE A 370 9.14 0.03 -5.66
CA PHE A 370 9.01 0.37 -7.09
C PHE A 370 7.66 -0.11 -7.66
N HIS A 371 7.26 -1.32 -7.28
CA HIS A 371 6.04 -1.94 -7.80
C HIS A 371 4.82 -1.13 -7.36
N GLU A 372 4.81 -0.68 -6.11
CA GLU A 372 3.73 0.18 -5.59
C GLU A 372 3.73 1.59 -6.21
N ALA A 373 4.91 2.08 -6.58
CA ALA A 373 5.08 3.44 -7.09
C ALA A 373 4.49 3.65 -8.48
N ILE A 374 4.66 2.67 -9.36
CA ILE A 374 4.32 2.83 -10.78
C ILE A 374 2.94 3.47 -11.01
N GLY A 375 1.88 2.82 -10.51
CA GLY A 375 0.51 3.30 -10.69
C GLY A 375 0.29 4.67 -10.09
N ASP A 376 0.86 4.88 -8.91
CA ASP A 376 0.74 6.16 -8.21
C ASP A 376 1.37 7.33 -8.99
N VAL A 377 2.47 7.07 -9.69
CA VAL A 377 3.11 8.09 -10.53
C VAL A 377 2.09 8.65 -11.52
N LEU A 378 1.43 7.75 -12.25
CA LEU A 378 0.43 8.15 -13.24
C LEU A 378 -0.76 8.82 -12.57
N ALA A 379 -1.17 8.30 -11.42
CA ALA A 379 -2.29 8.88 -10.66
C ALA A 379 -2.03 10.31 -10.20
N LEU A 380 -0.77 10.67 -9.98
CA LEU A 380 -0.41 12.07 -9.67
C LEU A 380 -0.82 13.03 -10.78
N SER A 381 -0.65 12.61 -12.03
CA SER A 381 -1.06 13.39 -13.19
C SER A 381 -2.57 13.31 -13.43
N VAL A 382 -3.14 12.15 -13.20
CA VAL A 382 -4.60 11.95 -13.25
C VAL A 382 -5.33 12.94 -12.36
N SER A 383 -4.78 13.18 -11.16
CA SER A 383 -5.41 14.00 -10.13
C SER A 383 -5.34 15.51 -10.37
N THR A 384 -4.46 15.93 -11.28
CA THR A 384 -4.28 17.36 -11.56
C THR A 384 -5.60 17.97 -12.02
N PRO A 385 -5.88 19.22 -11.60
CA PRO A 385 -7.13 19.86 -12.03
C PRO A 385 -7.27 19.89 -13.55
N LYS A 386 -6.14 20.02 -14.26
CA LYS A 386 -6.12 19.98 -15.72
C LYS A 386 -6.71 18.69 -16.29
N HIS A 387 -6.20 17.54 -15.82
CA HIS A 387 -6.64 16.24 -16.33
C HIS A 387 -8.07 15.91 -15.92
N LEU A 388 -8.46 16.30 -14.72
CA LEU A 388 -9.80 16.03 -14.22
C LEU A 388 -10.86 16.83 -14.98
N HIS A 389 -10.48 18.03 -15.42
CA HIS A 389 -11.36 18.86 -16.26
C HIS A 389 -11.55 18.25 -17.65
N SER A 390 -10.47 17.70 -18.22
CA SER A 390 -10.54 17.02 -19.50
C SER A 390 -11.49 15.82 -19.45
N LEU A 391 -11.64 15.24 -18.26
CA LEU A 391 -12.57 14.14 -18.05
C LEU A 391 -13.98 14.61 -17.66
N ASN A 392 -14.15 15.94 -17.60
CA ASN A 392 -15.42 16.59 -17.23
C ASN A 392 -15.85 16.38 -15.77
N LEU A 393 -14.89 16.00 -14.93
CA LEU A 393 -15.17 15.75 -13.51
C LEU A 393 -15.05 17.04 -12.68
N LEU A 394 -14.38 18.03 -13.25
CA LEU A 394 -14.35 19.40 -12.72
C LEU A 394 -14.56 20.38 -13.87
N SER A 395 -14.94 21.62 -13.57
CA SER A 395 -15.06 22.67 -14.59
C SER A 395 -13.88 23.64 -14.56
N SER A 400 -4.12 30.78 -11.00
CA SER A 400 -4.51 31.47 -9.77
C SER A 400 -4.00 30.71 -8.55
N ASP A 401 -3.22 31.40 -7.73
CA ASP A 401 -2.53 30.79 -6.58
C ASP A 401 -3.49 30.20 -5.55
N GLU A 402 -4.70 30.75 -5.46
CA GLU A 402 -5.72 30.24 -4.55
C GLU A 402 -6.16 28.82 -4.95
N HIS A 403 -6.25 28.59 -6.25
CA HIS A 403 -6.54 27.26 -6.79
C HIS A 403 -5.34 26.31 -6.61
N ASP A 404 -4.14 26.85 -6.72
CA ASP A 404 -2.91 26.08 -6.52
C ASP A 404 -2.78 25.53 -5.10
N ILE A 405 -3.04 26.40 -4.12
CA ILE A 405 -2.94 26.03 -2.72
C ILE A 405 -4.04 25.01 -2.37
N ASN A 406 -5.24 25.24 -2.88
CA ASN A 406 -6.34 24.29 -2.72
C ASN A 406 -5.99 22.90 -3.22
N PHE A 407 -5.39 22.84 -4.42
CA PHE A 407 -4.98 21.57 -5.01
C PHE A 407 -3.84 20.89 -4.23
N LEU A 408 -2.81 21.68 -3.89
CA LEU A 408 -1.70 21.16 -3.09
C LEU A 408 -2.17 20.63 -1.74
N MET A 409 -3.15 21.31 -1.14
CA MET A 409 -3.76 20.86 0.10
C MET A 409 -4.42 19.49 -0.07
N LYS A 410 -5.26 19.34 -1.10
CA LYS A 410 -5.91 18.06 -1.37
C LYS A 410 -4.90 16.94 -1.56
N MET A 411 -3.82 17.22 -2.29
CA MET A 411 -2.77 16.24 -2.52
C MET A 411 -2.02 15.90 -1.24
N ALA A 412 -1.65 16.94 -0.48
CA ALA A 412 -0.94 16.77 0.79
C ALA A 412 -1.70 15.94 1.81
N LEU A 413 -3.02 16.15 1.88
CA LEU A 413 -3.88 15.39 2.80
C LEU A 413 -3.71 13.89 2.65
N ASP A 414 -3.33 13.45 1.45
CA ASP A 414 -3.02 12.03 1.26
C ASP A 414 -1.54 11.73 1.32
N LYS A 415 -0.76 12.44 0.52
CA LYS A 415 0.64 12.12 0.30
C LYS A 415 1.54 12.44 1.49
N ILE A 416 1.25 13.54 2.19
CA ILE A 416 2.04 13.91 3.37
C ILE A 416 1.56 13.17 4.62
N ALA A 417 0.25 13.09 4.80
CA ALA A 417 -0.31 12.44 5.99
C ALA A 417 0.10 10.97 6.09
N PHE A 418 0.24 10.32 4.94
CA PHE A 418 0.54 8.89 4.88
C PHE A 418 1.97 8.55 5.31
N ILE A 419 2.86 9.54 5.25
CA ILE A 419 4.28 9.34 5.54
C ILE A 419 4.51 8.78 6.97
N PRO A 420 4.00 9.46 8.02
CA PRO A 420 4.19 8.84 9.33
C PRO A 420 3.46 7.51 9.52
N PHE A 421 2.27 7.35 8.92
CA PHE A 421 1.53 6.08 9.06
C PHE A 421 2.28 4.92 8.42
N SER A 422 2.72 5.10 7.17
CA SER A 422 3.44 4.04 6.45
C SER A 422 4.78 3.71 7.10
N TYR A 423 5.33 4.68 7.83
CA TYR A 423 6.57 4.48 8.57
C TYR A 423 6.36 3.63 9.82
N LEU A 424 5.25 3.84 10.51
CA LEU A 424 5.05 3.23 11.83
C LEU A 424 4.62 1.78 11.81
N VAL A 425 3.85 1.38 10.79
CA VAL A 425 3.27 0.03 10.74
C VAL A 425 4.34 -1.04 10.92
N ASP A 426 5.42 -0.95 10.15
CA ASP A 426 6.49 -1.93 10.28
C ASP A 426 7.48 -1.61 11.39
N GLN A 427 7.52 -0.37 11.87
CA GLN A 427 8.25 -0.09 13.12
C GLN A 427 7.66 -0.97 14.20
N TRP A 428 6.32 -1.05 14.23
CA TRP A 428 5.60 -1.91 15.15
C TRP A 428 5.91 -3.39 14.90
N ARG A 429 5.73 -3.85 13.66
CA ARG A 429 5.97 -5.26 13.35
C ARG A 429 7.41 -5.73 13.52
N TRP A 430 8.39 -4.88 13.19
CA TRP A 430 9.80 -5.27 13.37
C TRP A 430 10.11 -5.50 14.85
N ARG A 431 9.43 -4.73 15.70
CA ARG A 431 9.61 -4.86 17.13
C ARG A 431 8.82 -6.00 17.74
N VAL A 432 7.70 -6.36 17.12
CA VAL A 432 6.99 -7.60 17.47
C VAL A 432 7.85 -8.80 17.08
N PHE A 433 8.36 -8.79 15.85
CA PHE A 433 9.18 -9.88 15.33
C PHE A 433 10.46 -10.11 16.13
N ASP A 434 11.12 -9.03 16.57
CA ASP A 434 12.37 -9.16 17.32
C ASP A 434 12.17 -9.41 18.83
N GLY A 435 10.92 -9.45 19.26
CA GLY A 435 10.61 -9.79 20.65
C GLY A 435 10.49 -8.61 21.59
N SER A 436 10.77 -7.40 21.09
CA SER A 436 10.65 -6.17 21.88
C SER A 436 9.22 -5.92 22.33
N ILE A 437 8.26 -6.24 21.46
CA ILE A 437 6.83 -6.15 21.78
C ILE A 437 6.25 -7.55 21.83
N THR A 438 5.58 -7.86 22.94
CA THR A 438 4.93 -9.17 23.13
C THR A 438 3.41 -8.98 23.26
N LYS A 439 2.66 -10.07 23.34
CA LYS A 439 1.19 -10.01 23.29
C LYS A 439 0.55 -9.09 24.32
N GLU A 440 1.14 -9.01 25.50
CA GLU A 440 0.55 -8.18 26.55
C GLU A 440 0.80 -6.69 26.32
N ASN A 441 1.68 -6.42 25.34
CA ASN A 441 2.09 -5.07 24.93
C ASN A 441 1.60 -4.63 23.54
N TYR A 442 1.02 -5.55 22.78
CA TYR A 442 0.63 -5.30 21.39
C TYR A 442 -0.04 -3.95 21.18
N ASN A 443 -1.19 -3.77 21.82
CA ASN A 443 -2.03 -2.61 21.56
C ASN A 443 -1.46 -1.32 22.09
N GLN A 444 -0.91 -1.36 23.30
CA GLN A 444 -0.30 -0.20 23.94
C GLN A 444 0.85 0.37 23.11
N GLU A 445 1.71 -0.51 22.61
CA GLU A 445 2.86 -0.09 21.79
C GLU A 445 2.41 0.45 20.43
N TRP A 446 1.34 -0.12 19.89
CA TRP A 446 0.73 0.38 18.65
C TRP A 446 0.36 1.85 18.84
N TRP A 447 -0.41 2.13 19.90
CA TRP A 447 -0.84 3.50 20.17
C TRP A 447 0.27 4.46 20.56
N SER A 448 1.34 3.95 21.17
CA SER A 448 2.51 4.78 21.46
C SER A 448 3.15 5.29 20.17
N LEU A 449 3.21 4.44 19.16
CA LEU A 449 3.71 4.83 17.83
C LEU A 449 2.73 5.74 17.08
N ARG A 450 1.44 5.41 17.16
CA ARG A 450 0.39 6.25 16.59
C ARG A 450 0.49 7.69 17.13
N LEU A 451 0.75 7.80 18.43
CA LEU A 451 0.96 9.10 19.05
C LEU A 451 2.28 9.71 18.60
N LYS A 452 3.37 8.95 18.75
CA LYS A 452 4.72 9.47 18.46
C LYS A 452 4.88 9.97 17.02
N TYR A 453 4.40 9.19 16.06
CA TYR A 453 4.63 9.47 14.64
C TYR A 453 3.54 10.31 13.97
N GLN A 454 2.27 9.94 14.19
CA GLN A 454 1.16 10.64 13.55
C GLN A 454 0.53 11.74 14.39
N GLY A 455 0.74 11.70 15.70
CA GLY A 455 0.09 12.68 16.59
C GLY A 455 -1.41 12.45 16.70
N LEU A 456 -1.78 11.19 16.87
CA LEU A 456 -3.18 10.79 17.01
C LEU A 456 -3.42 10.16 18.36
N CYS A 457 -4.67 10.20 18.81
CA CYS A 457 -5.08 9.53 20.03
C CYS A 457 -6.36 8.75 19.77
N PRO A 458 -6.57 7.64 20.51
CA PRO A 458 -7.82 6.92 20.33
C PRO A 458 -8.98 7.73 20.93
N PRO A 459 -10.14 7.77 20.25
CA PRO A 459 -11.26 8.55 20.78
C PRO A 459 -11.94 7.90 22.00
N VAL A 460 -11.76 6.60 22.14
CA VAL A 460 -12.25 5.85 23.31
C VAL A 460 -11.10 5.05 23.92
N PRO A 461 -11.09 4.89 25.26
CA PRO A 461 -10.05 4.08 25.90
C PRO A 461 -9.94 2.68 25.28
N ARG A 462 -8.74 2.17 25.17
CA ARG A 462 -8.52 0.82 24.65
C ARG A 462 -8.45 -0.14 25.83
N THR A 463 -9.14 -1.27 25.70
CA THR A 463 -9.37 -2.18 26.83
C THR A 463 -8.74 -3.55 26.61
N GLN A 464 -8.85 -4.40 27.64
CA GLN A 464 -8.36 -5.77 27.57
C GLN A 464 -8.97 -6.47 26.37
N GLY A 465 -8.11 -7.11 25.58
CA GLY A 465 -8.57 -7.88 24.43
C GLY A 465 -8.71 -7.07 23.15
N ASP A 466 -8.35 -5.79 23.18
CA ASP A 466 -8.31 -4.99 21.95
C ASP A 466 -7.03 -5.30 21.17
N PHE A 467 -7.16 -5.39 19.85
CA PHE A 467 -6.02 -5.59 18.97
C PHE A 467 -6.22 -4.78 17.71
N ASP A 468 -6.10 -3.46 17.87
CA ASP A 468 -6.32 -2.52 16.80
C ASP A 468 -5.48 -2.75 15.52
N PRO A 469 -4.21 -3.21 15.65
CA PRO A 469 -3.49 -3.56 14.43
C PRO A 469 -4.21 -4.62 13.58
N GLY A 470 -4.94 -5.53 14.24
CA GLY A 470 -5.72 -6.55 13.52
C GLY A 470 -6.79 -6.02 12.58
N ALA A 471 -7.20 -4.77 12.81
CA ALA A 471 -8.23 -4.10 12.02
C ALA A 471 -7.69 -3.41 10.75
N LYS A 472 -6.40 -3.60 10.49
CA LYS A 472 -5.74 -3.08 9.30
C LYS A 472 -5.34 -4.26 8.45
N PHE A 473 -5.86 -4.30 7.21
CA PHE A 473 -5.70 -5.42 6.30
C PHE A 473 -4.34 -6.13 6.32
N HIS A 474 -3.28 -5.35 6.18
CA HIS A 474 -1.94 -5.89 5.95
C HIS A 474 -1.39 -6.68 7.13
N ILE A 475 -1.99 -6.48 8.31
CA ILE A 475 -1.59 -7.22 9.51
C ILE A 475 -2.04 -8.69 9.45
N PRO A 476 -3.37 -8.97 9.44
CA PRO A 476 -3.75 -10.38 9.30
C PRO A 476 -3.31 -11.03 7.98
N SER A 477 -3.19 -10.25 6.92
CA SER A 477 -2.82 -10.78 5.61
C SER A 477 -1.31 -10.91 5.45
N SER A 478 -0.57 -10.49 6.47
CA SER A 478 0.89 -10.56 6.48
C SER A 478 1.52 -9.97 5.23
N VAL A 479 1.09 -8.75 4.89
CA VAL A 479 1.67 -7.99 3.78
C VAL A 479 2.58 -6.92 4.36
N PRO A 480 3.89 -6.99 4.04
CA PRO A 480 4.84 -5.97 4.53
C PRO A 480 4.42 -4.56 4.10
N TYR A 481 4.71 -3.57 4.94
CA TYR A 481 4.18 -2.23 4.75
C TYR A 481 5.20 -1.16 4.33
N ILE A 482 6.48 -1.37 4.67
CA ILE A 482 7.49 -0.35 4.40
C ILE A 482 7.60 -0.02 2.90
N ARG A 483 7.19 -0.97 2.06
CA ARG A 483 7.08 -0.77 0.61
C ARG A 483 6.27 0.49 0.23
N TYR A 484 5.29 0.83 1.06
CA TYR A 484 4.42 1.97 0.80
C TYR A 484 5.06 3.28 1.21
N PHE A 485 5.88 3.25 2.27
CA PHE A 485 6.68 4.42 2.67
C PHE A 485 7.68 4.75 1.56
N VAL A 486 8.38 3.72 1.10
CA VAL A 486 9.33 3.84 -0.02
C VAL A 486 8.63 4.36 -1.27
N SER A 487 7.48 3.76 -1.60
CA SER A 487 6.69 4.20 -2.74
C SER A 487 6.37 5.70 -2.72
N PHE A 488 5.91 6.21 -1.58
CA PHE A 488 5.48 7.60 -1.50
C PHE A 488 6.67 8.56 -1.66
N ILE A 489 7.85 8.16 -1.20
CA ILE A 489 9.06 8.94 -1.41
C ILE A 489 9.45 8.90 -2.89
N ILE A 490 9.58 7.69 -3.45
CA ILE A 490 10.15 7.54 -4.78
C ILE A 490 9.21 7.95 -5.93
N GLN A 491 7.89 7.88 -5.70
CA GLN A 491 6.94 8.28 -6.74
C GLN A 491 7.08 9.75 -7.12
N PHE A 492 7.47 10.59 -6.17
CA PHE A 492 7.74 11.99 -6.46
C PHE A 492 9.06 12.17 -7.21
N GLN A 493 10.05 11.35 -6.89
CA GLN A 493 11.30 11.30 -7.66
C GLN A 493 11.01 10.92 -9.12
N PHE A 494 10.16 9.92 -9.32
CA PHE A 494 9.79 9.46 -10.66
C PHE A 494 8.97 10.52 -11.42
N HIS A 495 8.00 11.13 -10.72
CA HIS A 495 7.20 12.22 -11.27
C HIS A 495 8.11 13.34 -11.77
N GLU A 496 9.01 13.81 -10.90
CA GLU A 496 10.01 14.84 -11.24
C GLU A 496 10.81 14.51 -12.51
N ALA A 497 11.32 13.28 -12.59
CA ALA A 497 12.14 12.85 -13.73
C ALA A 497 11.33 12.71 -15.02
N LEU A 498 10.14 12.10 -14.91
CA LEU A 498 9.27 11.94 -16.07
C LEU A 498 8.80 13.30 -16.62
N CYS A 499 8.51 14.22 -15.70
CA CYS A 499 8.12 15.57 -16.06
C CYS A 499 9.25 16.32 -16.78
N GLN A 500 10.47 16.15 -16.29
CA GLN A 500 11.67 16.67 -16.96
C GLN A 500 11.83 16.08 -18.35
N ALA A 501 11.61 14.76 -18.47
CA ALA A 501 11.66 14.07 -19.76
C ALA A 501 10.54 14.53 -20.71
N ALA A 502 9.39 14.88 -20.14
CA ALA A 502 8.25 15.35 -20.91
C ALA A 502 8.40 16.81 -21.34
N GLY A 503 9.42 17.47 -20.80
CA GLY A 503 9.71 18.87 -21.12
C GLY A 503 9.04 19.90 -20.22
N HIS A 504 8.43 19.44 -19.12
CA HIS A 504 7.73 20.34 -18.21
C HIS A 504 8.69 21.32 -17.53
N THR A 505 8.25 22.57 -17.42
CA THR A 505 9.00 23.63 -16.75
C THR A 505 8.08 24.26 -15.70
N GLY A 506 8.68 24.94 -14.72
CA GLY A 506 7.91 25.59 -13.68
C GLY A 506 7.47 24.60 -12.62
N PRO A 507 6.55 25.01 -11.72
CA PRO A 507 6.19 24.22 -10.54
C PRO A 507 5.85 22.77 -10.87
N LEU A 508 6.54 21.86 -10.20
CA LEU A 508 6.37 20.42 -10.40
C LEU A 508 4.92 19.95 -10.29
N HIS A 509 4.17 20.53 -9.36
CA HIS A 509 2.77 20.14 -9.13
C HIS A 509 1.83 20.44 -10.31
N LYS A 510 2.26 21.28 -11.25
CA LYS A 510 1.48 21.62 -12.44
C LYS A 510 1.70 20.63 -13.60
N CYS A 511 2.64 19.69 -13.41
CA CYS A 511 2.96 18.71 -14.45
C CYS A 511 1.88 17.66 -14.65
N ASP A 512 1.61 17.35 -15.91
CA ASP A 512 0.69 16.28 -16.30
C ASP A 512 1.39 15.51 -17.42
N ILE A 513 1.74 14.25 -17.13
CA ILE A 513 2.52 13.45 -18.09
C ILE A 513 1.67 12.76 -19.18
N TYR A 514 0.36 12.95 -19.14
CA TYR A 514 -0.54 12.40 -20.17
C TYR A 514 0.01 12.70 -21.56
N GLN A 515 0.06 11.67 -22.41
CA GLN A 515 0.51 11.77 -23.81
C GLN A 515 2.04 11.75 -24.02
N SER A 516 2.80 11.72 -22.93
CA SER A 516 4.27 11.75 -23.05
C SER A 516 4.88 10.37 -23.30
N LYS A 517 5.27 10.12 -24.54
CA LYS A 517 5.94 8.88 -24.92
C LYS A 517 7.34 8.79 -24.31
N GLU A 518 7.97 9.95 -24.12
CA GLU A 518 9.28 10.05 -23.46
C GLU A 518 9.19 9.60 -22.00
N ALA A 519 8.17 10.05 -21.29
CA ALA A 519 7.91 9.61 -19.92
C ALA A 519 7.66 8.10 -19.86
N GLY A 520 6.82 7.61 -20.75
CA GLY A 520 6.53 6.19 -20.85
C GLY A 520 7.75 5.31 -21.08
N GLN A 521 8.63 5.73 -21.99
CA GLN A 521 9.81 4.92 -22.30
C GLN A 521 10.83 4.92 -21.16
N ARG A 522 10.87 5.99 -20.38
CA ARG A 522 11.75 6.06 -19.20
C ARG A 522 11.35 5.01 -18.16
N LEU A 523 10.04 4.89 -17.90
CA LEU A 523 9.51 3.88 -16.97
C LEU A 523 9.65 2.46 -17.51
N ALA A 524 9.32 2.30 -18.80
CA ALA A 524 9.35 0.99 -19.46
C ALA A 524 10.71 0.30 -19.36
N THR A 525 11.79 1.06 -19.59
CA THR A 525 13.14 0.50 -19.57
C THR A 525 13.50 -0.04 -18.18
N ALA A 526 13.08 0.69 -17.15
CA ALA A 526 13.33 0.28 -15.76
C ALA A 526 12.46 -0.89 -15.33
N MET A 527 11.20 -0.90 -15.76
CA MET A 527 10.26 -1.96 -15.41
C MET A 527 10.66 -3.31 -16.02
N LYS A 528 11.13 -3.26 -17.26
CA LYS A 528 11.60 -4.45 -17.99
C LYS A 528 12.73 -5.18 -17.28
N LEU A 529 13.47 -4.47 -16.43
CA LEU A 529 14.56 -5.07 -15.67
C LEU A 529 14.08 -6.03 -14.59
N GLY A 530 12.83 -5.86 -14.17
CA GLY A 530 12.28 -6.65 -13.07
C GLY A 530 13.20 -6.61 -11.86
N PHE A 531 13.58 -7.78 -11.37
CA PHE A 531 14.45 -7.93 -10.20
C PHE A 531 15.88 -8.34 -10.62
N SER A 532 16.19 -8.18 -11.92
CA SER A 532 17.46 -8.65 -12.49
C SER A 532 18.69 -7.87 -12.02
N ARG A 533 18.49 -6.62 -11.59
CA ARG A 533 19.60 -5.75 -11.16
C ARG A 533 19.30 -5.12 -9.80
N PRO A 534 20.35 -4.80 -9.00
CA PRO A 534 20.13 -4.10 -7.74
C PRO A 534 19.33 -2.82 -7.97
N TRP A 535 18.44 -2.48 -7.03
CA TRP A 535 17.47 -1.40 -7.27
C TRP A 535 18.06 -0.01 -7.59
N PRO A 536 19.24 0.36 -7.03
CA PRO A 536 19.81 1.67 -7.38
C PRO A 536 20.08 1.88 -8.88
N GLU A 537 20.31 0.78 -9.61
CA GLU A 537 20.47 0.86 -11.07
C GLU A 537 19.18 1.31 -11.75
N ALA A 538 18.07 0.70 -11.35
CA ALA A 538 16.75 1.10 -11.84
C ALA A 538 16.41 2.51 -11.39
N MET A 539 16.81 2.87 -10.16
CA MET A 539 16.60 4.24 -9.68
C MET A 539 17.33 5.23 -10.59
N GLN A 540 18.59 4.92 -10.91
CA GLN A 540 19.40 5.78 -11.77
C GLN A 540 18.88 5.89 -13.21
N LEU A 541 18.43 4.78 -13.78
CA LEU A 541 17.82 4.80 -15.11
C LEU A 541 16.64 5.77 -15.18
N ILE A 542 15.80 5.78 -14.15
CA ILE A 542 14.65 6.69 -14.12
C ILE A 542 15.06 8.13 -13.82
N THR A 543 15.85 8.33 -12.76
CA THR A 543 16.04 9.68 -12.19
C THR A 543 17.39 10.33 -12.53
N GLY A 544 18.39 9.51 -12.85
CA GLY A 544 19.75 10.03 -13.08
C GLY A 544 20.63 10.01 -11.84
N GLN A 545 20.08 9.48 -10.73
CA GLN A 545 20.85 9.30 -9.50
C GLN A 545 20.41 7.99 -8.81
N PRO A 546 21.24 7.45 -7.88
CA PRO A 546 20.94 6.12 -7.36
C PRO A 546 20.20 6.05 -6.01
N ASN A 547 20.02 7.19 -5.34
CA ASN A 547 19.49 7.22 -3.96
C ASN A 547 17.97 7.39 -3.87
N MET A 548 17.40 6.95 -2.75
CA MET A 548 16.09 7.44 -2.35
C MET A 548 16.30 8.85 -1.83
N SER A 549 15.44 9.77 -2.26
CA SER A 549 15.55 11.16 -1.87
C SER A 549 14.19 11.84 -1.70
N ALA A 550 14.04 12.55 -0.59
CA ALA A 550 12.80 13.28 -0.28
C ALA A 550 12.74 14.63 -0.98
N SER A 551 13.81 14.99 -1.69
CA SER A 551 13.95 16.27 -2.38
C SER A 551 12.79 16.60 -3.34
N ALA A 552 12.45 15.65 -4.19
CA ALA A 552 11.39 15.83 -5.18
C ALA A 552 10.02 16.06 -4.53
N MET A 553 9.75 15.31 -3.46
CA MET A 553 8.50 15.45 -2.72
C MET A 553 8.42 16.84 -2.09
N LEU A 554 9.52 17.26 -1.45
CA LEU A 554 9.61 18.59 -0.84
C LEU A 554 9.44 19.71 -1.89
N SER A 555 10.01 19.51 -3.08
CA SER A 555 9.90 20.46 -4.18
C SER A 555 8.45 20.62 -4.66
N TYR A 556 7.78 19.49 -4.87
CA TYR A 556 6.35 19.46 -5.23
C TYR A 556 5.54 20.30 -4.25
N PHE A 557 5.75 20.09 -2.95
CA PHE A 557 4.93 20.74 -1.92
C PHE A 557 5.44 22.06 -1.35
N LYS A 558 6.58 22.53 -1.85
CA LYS A 558 7.19 23.76 -1.33
C LYS A 558 6.22 24.96 -1.17
N PRO A 559 5.42 25.27 -2.21
CA PRO A 559 4.47 26.38 -2.07
C PRO A 559 3.46 26.17 -0.94
N LEU A 560 3.07 24.91 -0.69
CA LEU A 560 2.18 24.61 0.43
C LEU A 560 2.88 24.76 1.77
N LEU A 561 4.11 24.29 1.88
CA LEU A 561 4.92 24.47 3.08
C LEU A 561 4.98 25.94 3.49
N ASP A 562 5.27 26.81 2.51
CA ASP A 562 5.34 28.25 2.76
C ASP A 562 4.00 28.82 3.23
N TRP A 563 2.93 28.41 2.56
CA TRP A 563 1.58 28.84 2.90
C TRP A 563 1.17 28.36 4.29
N LEU A 564 1.45 27.09 4.58
CA LEU A 564 1.11 26.50 5.89
C LEU A 564 1.83 27.18 7.03
N ARG A 565 3.12 27.44 6.87
CA ARG A 565 3.90 28.14 7.91
C ARG A 565 3.29 29.50 8.25
N THR A 566 3.02 30.30 7.22
CA THR A 566 2.44 31.63 7.42
C THR A 566 1.07 31.55 8.09
N GLU A 567 0.19 30.68 7.56
CA GLU A 567 -1.14 30.46 8.11
C GLU A 567 -1.10 30.00 9.57
N ASN A 568 -0.24 29.03 9.86
CA ASN A 568 -0.10 28.50 11.23
C ASN A 568 0.51 29.53 12.21
N GLU A 569 1.45 30.32 11.73
CA GLU A 569 2.02 31.40 12.54
C GLU A 569 0.97 32.43 12.91
N LEU A 570 0.12 32.81 11.94
CA LEU A 570 -0.98 33.75 12.18
C LEU A 570 -1.93 33.33 13.31
N HIS A 571 -2.15 32.02 13.44
CA HIS A 571 -3.02 31.49 14.49
C HIS A 571 -2.24 31.08 15.73
N GLY A 572 -0.93 31.32 15.70
CA GLY A 572 -0.04 31.01 16.81
C GLY A 572 -0.04 29.53 17.15
N GLU A 573 -0.11 28.69 16.13
CA GLU A 573 -0.21 27.25 16.34
C GLU A 573 1.04 26.69 16.97
N LYS A 574 0.84 25.80 17.93
CA LYS A 574 1.94 24.99 18.44
C LYS A 574 2.11 23.79 17.53
N LEU A 575 3.26 23.70 16.88
CA LEU A 575 3.58 22.54 16.05
C LEU A 575 3.84 21.34 16.95
N GLY A 576 3.24 20.21 16.61
CA GLY A 576 3.34 19.02 17.44
C GLY A 576 2.24 18.93 18.48
N TRP A 577 2.44 18.07 19.46
CA TRP A 577 1.44 17.86 20.51
C TRP A 577 2.07 17.83 21.90
N PRO A 578 2.44 19.00 22.40
CA PRO A 578 2.99 19.09 23.76
C PRO A 578 2.13 18.32 24.75
N GLN A 579 0.84 18.64 24.78
CA GLN A 579 -0.10 17.91 25.63
C GLN A 579 -0.33 16.52 25.05
N TYR A 580 0.74 15.73 25.02
CA TYR A 580 0.72 14.40 24.40
C TYR A 580 -0.12 13.37 25.16
N ASN A 581 -0.40 13.64 26.43
CA ASN A 581 -1.25 12.77 27.25
C ASN A 581 -2.74 12.97 27.04
N TRP A 582 -3.10 14.05 26.33
CA TRP A 582 -4.52 14.36 26.11
C TRP A 582 -5.26 13.29 25.32
N THR A 583 -6.46 12.96 25.81
CA THR A 583 -7.43 12.12 25.13
C THR A 583 -8.81 12.76 25.36
N PRO A 584 -9.80 12.47 24.49
CA PRO A 584 -11.15 12.99 24.68
C PRO A 584 -11.74 12.71 26.07
N ALA A 585 -12.45 13.70 26.63
CA ALA A 585 -13.06 13.59 27.96
C ALA A 585 -14.35 12.77 27.92
C1 NAG B . 24.50 -14.36 -17.70
C2 NAG B . 24.96 -13.62 -18.96
C3 NAG B . 23.81 -12.84 -19.61
C4 NAG B . 22.57 -13.70 -19.77
C5 NAG B . 22.25 -14.43 -18.45
C6 NAG B . 21.06 -15.37 -18.59
C7 NAG B . 27.28 -12.90 -19.08
C8 NAG B . 28.30 -11.87 -18.68
N2 NAG B . 26.04 -12.70 -18.65
O3 NAG B . 24.23 -12.34 -20.87
O4 NAG B . 21.50 -12.86 -20.15
O5 NAG B . 23.37 -15.17 -18.01
O6 NAG B . 21.42 -16.42 -19.46
O7 NAG B . 27.62 -13.86 -19.78
C1 NAG B . 20.99 -13.14 -21.47
C2 NAG B . 19.56 -12.59 -21.58
C3 NAG B . 18.99 -12.82 -22.98
C4 NAG B . 19.95 -12.34 -24.07
C5 NAG B . 21.34 -12.95 -23.81
C6 NAG B . 22.38 -12.52 -24.85
C7 NAG B . 18.49 -12.68 -19.37
C8 NAG B . 17.56 -13.45 -18.48
N2 NAG B . 18.70 -13.20 -20.58
O3 NAG B . 17.74 -12.17 -23.10
O4 NAG B . 19.47 -12.71 -25.35
O5 NAG B . 21.80 -12.63 -22.51
O6 NAG B . 22.81 -11.20 -24.61
O7 NAG B . 19.01 -11.64 -18.97
C1 BMA B . 18.91 -11.59 -26.07
C2 BMA B . 19.72 -11.30 -27.33
C3 BMA B . 19.09 -10.19 -28.19
C4 BMA B . 17.58 -10.36 -28.36
C5 BMA B . 16.88 -10.70 -27.03
C6 BMA B . 15.41 -11.03 -27.24
O2 BMA B . 19.86 -12.50 -28.11
O3 BMA B . 19.69 -10.17 -29.49
O4 BMA B . 17.04 -9.13 -28.89
O5 BMA B . 17.53 -11.81 -26.39
O6 BMA B . 15.27 -12.45 -27.54
C1 FUC B . 20.26 -17.17 -19.83
C2 FUC B . 20.50 -17.92 -21.14
C3 FUC B . 21.47 -19.10 -20.94
C4 FUC B . 21.03 -19.96 -19.76
C5 FUC B . 20.81 -19.10 -18.52
C6 FUC B . 20.36 -19.91 -17.31
O2 FUC B . 21.02 -17.04 -22.11
O3 FUC B . 21.54 -19.86 -22.12
O4 FUC B . 19.85 -20.63 -20.10
O5 FUC B . 19.85 -18.10 -18.81
C ACT C . 12.18 -15.32 5.24
O ACT C . 12.53 -14.55 4.30
OXT ACT C . 11.56 -14.83 6.21
CH3 ACT C . 12.49 -16.78 5.21
CL CL D . -6.03 1.98 14.90
CL CL E . 8.28 -4.42 1.65
ZN ZN F . -0.13 -2.01 -4.72
C1 NAG G . -17.83 -21.11 -5.77
C2 NAG G . -18.31 -21.29 -7.22
C3 NAG G . -19.20 -22.52 -7.43
C4 NAG G . -18.71 -23.76 -6.69
C5 NAG G . -18.27 -23.42 -5.27
C6 NAG G . -17.65 -24.61 -4.56
C7 NAG G . -18.73 -19.43 -8.75
C8 NAG G . -19.61 -18.25 -9.08
N2 NAG G . -19.06 -20.12 -7.66
O3 NAG G . -19.27 -22.82 -8.81
O4 NAG G . -19.75 -24.72 -6.66
O5 NAG G . -17.34 -22.35 -5.28
O6 NAG G . -17.71 -24.38 -3.18
O7 NAG G . -17.77 -19.70 -9.47
N1 EPE H . 13.87 -15.63 -23.31
C2 EPE H . 13.13 -16.13 -24.49
C3 EPE H . 13.33 -15.19 -25.67
N4 EPE H . 13.03 -13.82 -25.29
C5 EPE H . 13.63 -13.27 -24.08
C6 EPE H . 13.50 -14.25 -22.91
C7 EPE H . 12.25 -12.97 -26.18
C8 EPE H . 10.76 -12.94 -25.86
O8 EPE H . 10.24 -14.26 -25.85
C9 EPE H . 13.76 -16.57 -22.18
C10 EPE H . 12.32 -16.77 -21.69
S EPE H . 12.24 -17.33 -19.97
O1S EPE H . 12.75 -18.70 -19.89
O2S EPE H . 10.86 -17.29 -19.49
O3S EPE H . 13.06 -16.47 -19.12
CBM 3ES I . -0.66 -6.04 -4.63
OAB 3ES I . -1.62 -6.23 -5.38
OBJ 3ES I . 0.60 -6.41 -4.97
CBB 3ES I . 0.93 -6.88 -6.30
CBP 3ES I . 2.27 -7.27 -6.47
CAQ 3ES I . 3.28 -6.38 -6.11
CAK 3ES I . 4.63 -6.75 -6.25
CAH 3ES I . 4.95 -8.01 -6.75
CAL 3ES I . 3.94 -8.90 -7.11
CAR 3ES I . 2.60 -8.53 -6.97
OAD 3ES I . -1.00 -2.59 -2.19
PBY 3ES I . -2.07 -3.20 -3.00
OAG 3ES I . -1.93 -2.98 -4.56
CBX 3ES I . -2.01 -5.03 -2.82
NBI 3ES I . -0.76 -5.50 -3.42
CBE 3ES I . -2.07 -5.49 -1.36
CBQ 3ES I . -1.95 -7.02 -1.25
CAS 3ES I . -3.12 -7.80 -1.24
CAM 3ES I . -3.03 -9.19 -1.15
CAI 3ES I . -1.78 -9.81 -1.07
CAN 3ES I . -0.62 -9.04 -1.07
CAT 3ES I . -0.71 -7.65 -1.17
CBC 3ES I . -3.22 -0.17 -3.01
CBS 3ES I . -3.82 1.25 -2.95
CBA 3ES I . -4.66 1.84 -2.09
OBK 3ES I . -3.51 2.16 -3.90
NBG 3ES I . -4.18 3.34 -3.59
CBU 3ES I . -4.87 3.11 -2.48
CBT 3ES I . -5.68 4.07 -1.86
CAU 3ES I . -6.75 3.70 -1.04
CAO 3ES I . -7.55 4.67 -0.44
CAJ 3ES I . -7.30 6.02 -0.66
CAP 3ES I . -6.23 6.40 -1.46
CAV 3ES I . -5.43 5.43 -2.07
CBF 3ES I . -3.75 -2.64 -2.59
CBV 3ES I . -3.81 -1.20 -2.03
CBN 3ES I . -3.15 -1.14 -0.64
OAC 3ES I . -3.17 -2.12 0.11
N 3ES I . -2.61 0.04 -0.30
CA 3ES I . -2.08 0.28 1.05
C 3ES I . -3.28 0.50 1.99
O 3ES I . -3.08 0.63 3.21
CB 3ES I . -1.12 1.48 1.10
CG 3ES I . -1.44 2.66 0.18
CD1 3ES I . -2.21 3.72 0.64
CD2 3ES I . -0.92 2.69 -1.12
CE1 3ES I . -2.49 4.81 -0.20
CE2 3ES I . -1.19 3.78 -1.95
CZ 3ES I . -1.98 4.83 -1.49
OH 3ES I . -2.24 5.89 -2.32
OXT 3ES I . -4.41 0.46 1.46
CBM 3ES J . 6.05 -11.03 -0.17
OAB 3ES J . 5.92 -9.92 -0.71
OBJ 3ES J . 5.17 -11.40 0.81
CBB 3ES J . 3.93 -10.68 0.75
CBP 3ES J . 2.78 -11.35 0.38
CAQ 3ES J . 2.65 -11.85 -0.91
CAK 3ES J . 1.49 -12.53 -1.28
CAH 3ES J . 0.47 -12.69 -0.35
CAL 3ES J . 0.59 -12.21 0.95
CAR 3ES J . 1.76 -11.53 1.31
OAD 3ES J . 8.34 -14.34 -2.24
PBY 3ES J . 8.42 -12.93 -2.72
OAG 3ES J . 8.34 -12.53 -4.31
CBX 3ES J . 8.03 -11.56 -1.51
NBI 3ES J . 7.01 -11.88 -0.50
CBE 3ES J . 9.38 -11.32 -0.81
CBQ 3ES J . 9.37 -10.22 0.25
CAS 3ES J . 9.58 -8.89 -0.12
CAM 3ES J . 9.57 -7.89 0.85
CAI 3ES J . 9.37 -8.21 2.19
CAN 3ES J . 9.17 -9.54 2.57
CAT 3ES J . 9.16 -10.55 1.60
CBC 3ES J . 5.38 -13.27 -5.46
CBS 3ES J . 4.15 -12.43 -5.09
CBA 3ES J . 2.85 -12.63 -5.33
OBK 3ES J . 4.29 -11.24 -4.44
NBG 3ES J . 2.98 -10.75 -4.28
CBU 3ES J . 2.14 -11.61 -4.83
CBT 3ES J . 0.75 -11.43 -4.85
CAU 3ES J . 0.21 -10.17 -4.57
CAO 3ES J . -1.16 -9.94 -4.59
CAJ 3ES J . -2.02 -11.00 -4.90
CAP 3ES J . -1.51 -12.25 -5.20
CAV 3ES J . -0.13 -12.47 -5.18
CBF 3ES J . 6.62 -12.85 -3.17
CBV 3ES J . 6.20 -13.88 -4.27
CBN 3ES J . 5.38 -14.99 -3.65
OAC 3ES J . 4.59 -14.74 -2.74
N 3ES J . 5.58 -16.21 -4.17
CA 3ES J . 4.85 -17.41 -3.73
C 3ES J . 5.78 -18.49 -3.13
O 3ES J . 7.01 -18.37 -3.32
CB 3ES J . 4.08 -18.02 -4.92
CG 3ES J . 2.75 -17.31 -5.20
CD1 3ES J . 2.37 -17.09 -6.52
CD2 3ES J . 1.90 -16.91 -4.16
CE1 3ES J . 1.16 -16.47 -6.82
CE2 3ES J . 0.69 -16.28 -4.46
CZ 3ES J . 0.32 -16.06 -5.80
OH 3ES J . -0.86 -15.46 -6.09
OXT 3ES J . 5.22 -19.42 -2.51
#